data_6IS5
#
_entry.id   6IS5
#
_cell.length_a   122.368
_cell.length_b   122.368
_cell.length_c   215.198
_cell.angle_alpha   90.00
_cell.angle_beta   90.00
_cell.angle_gamma   90.00
#
_symmetry.space_group_name_H-M   'P 42 21 2'
#
loop_
_entity.id
_entity.type
_entity.pdbx_description
1 polymer 'VP1 Capsid protein'
2 branched alpha-L-fucopyranose-(1-2)-[2-acetamido-2-deoxy-alpha-D-galactopyranose-(1-3)]beta-D-galactopyranose-(1-4)-alpha-D-glucopyranose
3 water water
#
_entity_poly.entity_id   1
_entity_poly.type   'polypeptide(L)'
_entity_poly.pdbx_seq_one_letter_code
;GPLGSSKTKPFTLPILTISEMSNSRFPVPIDSLHTSPTENIVVQCQNGRVTLDGELMGTTQLLPSQICAFRGTLTRSTSR
ASDQADTPTPRLFNYYWHIQLDNLNGTPYDPAEDIPAPLGTPDFRGKVFGVASQRNPDSTTRAHEAKVDTTSGRFTPKLG
SLEITTESDDFDPNQPTKFTPVGVGVDNEAEFQQWSLPNYSGQFTHNMNLAPAVAPNFPGEQLLFFRSQLPSSGGRSNGV
LDCLVPQEWVQHFYQESAPAQTQVALVRYVNPDTGRVLFEAKLHKLGFMTIAKNGDSPITVPPNGYFRFESWVNPFYTLA
PMGTGNG
;
_entity_poly.pdbx_strand_id   A,B,C,D
#
loop_
_chem_comp.id
_chem_comp.type
_chem_comp.name
_chem_comp.formula
A2G D-saccharide, alpha linking 2-acetamido-2-deoxy-alpha-D-galactopyranose 'C8 H15 N O6'
FUC L-saccharide, alpha linking alpha-L-fucopyranose 'C6 H12 O5'
GAL D-saccharide, beta linking beta-D-galactopyranose 'C6 H12 O6'
GLC D-saccharide, alpha linking alpha-D-glucopyranose 'C6 H12 O6'
#
# COMPACT_ATOMS: atom_id res chain seq x y z
N THR A 8 -44.99 21.92 -15.99
CA THR A 8 -44.65 20.53 -15.71
C THR A 8 -43.18 20.40 -15.34
N LYS A 9 -42.92 19.74 -14.22
CA LYS A 9 -41.55 19.59 -13.74
C LYS A 9 -40.81 18.54 -14.55
N PRO A 10 -39.70 18.87 -15.20
CA PRO A 10 -38.96 17.86 -15.95
C PRO A 10 -38.21 16.91 -15.03
N PHE A 11 -38.03 15.69 -15.52
CA PHE A 11 -37.31 14.67 -14.79
C PHE A 11 -35.81 14.87 -14.95
N THR A 12 -35.08 14.68 -13.86
CA THR A 12 -33.62 14.83 -13.87
C THR A 12 -32.98 13.73 -13.04
N LEU A 13 -31.75 13.40 -13.40
CA LEU A 13 -30.88 12.64 -12.53
C LEU A 13 -29.86 13.57 -11.88
N PRO A 14 -29.44 13.31 -10.65
CA PRO A 14 -28.29 14.05 -10.10
C PRO A 14 -27.03 13.64 -10.85
N ILE A 15 -26.06 14.55 -10.88
CA ILE A 15 -24.79 14.29 -11.55
C ILE A 15 -23.85 13.69 -10.53
N LEU A 16 -23.68 12.37 -10.58
CA LEU A 16 -22.87 11.66 -9.62
C LEU A 16 -21.99 10.64 -10.33
N THR A 17 -20.76 10.53 -9.85
CA THR A 17 -19.82 9.50 -10.27
C THR A 17 -20.15 8.18 -9.58
N ILE A 18 -19.69 7.08 -10.18
CA ILE A 18 -19.83 5.78 -9.54
C ILE A 18 -19.30 5.81 -8.11
N SER A 19 -18.17 6.48 -7.90
CA SER A 19 -17.58 6.61 -6.57
C SER A 19 -18.25 7.70 -5.73
N GLU A 20 -19.37 8.25 -6.19
CA GLU A 20 -20.12 9.22 -5.40
C GLU A 20 -21.52 8.74 -5.05
N MET A 21 -21.82 7.46 -5.28
CA MET A 21 -23.14 6.89 -5.04
C MET A 21 -23.10 5.97 -3.83
N SER A 22 -24.23 5.91 -3.13
CA SER A 22 -24.38 5.07 -1.95
C SER A 22 -25.33 3.93 -2.25
N ASN A 23 -25.05 2.77 -1.65
CA ASN A 23 -25.97 1.67 -1.72
C ASN A 23 -27.27 2.04 -1.01
N SER A 24 -28.40 1.65 -1.60
CA SER A 24 -29.70 1.95 -1.02
C SER A 24 -30.24 0.80 -0.18
N ARG A 25 -29.47 -0.28 -0.04
CA ARG A 25 -29.84 -1.41 0.82
C ARG A 25 -28.90 -1.57 2.00
N PHE A 26 -27.84 -0.76 2.09
CA PHE A 26 -26.89 -0.82 3.20
C PHE A 26 -26.10 0.47 3.19
N PRO A 27 -25.76 1.03 4.36
CA PRO A 27 -25.05 2.33 4.39
C PRO A 27 -23.59 2.23 3.97
N VAL A 28 -23.33 1.87 2.72
CA VAL A 28 -21.97 1.78 2.19
C VAL A 28 -21.94 2.39 0.80
N PRO A 29 -20.75 2.81 0.35
CA PRO A 29 -20.63 3.31 -1.02
C PRO A 29 -20.86 2.21 -2.05
N ILE A 30 -21.24 2.64 -3.25
CA ILE A 30 -21.30 1.74 -4.40
C ILE A 30 -19.87 1.41 -4.83
N ASP A 31 -19.60 0.12 -5.05
CA ASP A 31 -18.27 -0.30 -5.48
C ASP A 31 -18.16 -0.44 -6.99
N SER A 32 -19.22 -0.88 -7.68
CA SER A 32 -19.14 -1.09 -9.13
C SER A 32 -20.56 -1.16 -9.68
N LEU A 33 -20.63 -1.28 -11.01
CA LEU A 33 -21.85 -1.63 -11.72
C LEU A 33 -21.76 -3.08 -12.17
N HIS A 34 -22.91 -3.75 -12.21
CA HIS A 34 -22.91 -5.18 -12.45
C HIS A 34 -24.23 -5.59 -13.09
N THR A 35 -24.15 -6.59 -13.95
CA THR A 35 -25.32 -7.14 -14.61
C THR A 35 -25.24 -8.66 -14.58
N SER A 36 -26.39 -9.29 -14.75
CA SER A 36 -26.51 -10.74 -14.64
C SER A 36 -27.90 -11.17 -15.09
N PRO A 37 -28.05 -12.35 -15.67
CA PRO A 37 -29.39 -12.92 -15.82
C PRO A 37 -29.99 -13.17 -14.45
N THR A 38 -31.30 -13.00 -14.34
CA THR A 38 -31.99 -13.06 -13.04
C THR A 38 -33.25 -13.90 -13.09
N GLU A 39 -33.41 -14.77 -14.09
CA GLU A 39 -34.61 -15.59 -14.15
C GLU A 39 -34.67 -16.61 -13.02
N ASN A 40 -33.53 -16.94 -12.42
CA ASN A 40 -33.47 -17.93 -11.33
C ASN A 40 -33.50 -17.29 -9.95
N ILE A 41 -33.74 -15.99 -9.85
CA ILE A 41 -33.91 -15.32 -8.56
C ILE A 41 -35.15 -14.44 -8.64
N VAL A 42 -35.62 -14.03 -7.46
CA VAL A 42 -36.71 -13.07 -7.34
C VAL A 42 -36.08 -11.75 -6.91
N VAL A 43 -36.10 -10.77 -7.81
CA VAL A 43 -35.53 -9.45 -7.53
C VAL A 43 -36.66 -8.62 -6.91
N GLN A 44 -36.77 -8.68 -5.58
CA GLN A 44 -37.86 -8.00 -4.88
C GLN A 44 -37.35 -7.40 -3.58
N CYS A 45 -36.23 -6.69 -3.64
CA CYS A 45 -35.77 -6.02 -2.43
C CYS A 45 -36.76 -4.96 -2.00
N GLN A 46 -36.71 -4.61 -0.72
CA GLN A 46 -37.66 -3.69 -0.14
C GLN A 46 -37.04 -2.36 0.27
N ASN A 47 -35.73 -2.30 0.43
CA ASN A 47 -35.01 -1.04 0.58
C ASN A 47 -34.48 -0.60 -0.78
N GLY A 48 -34.36 0.71 -0.94
CA GLY A 48 -33.99 1.26 -2.23
C GLY A 48 -35.07 1.11 -3.28
N ARG A 49 -36.33 1.25 -2.88
CA ARG A 49 -37.48 1.10 -3.77
C ARG A 49 -38.16 2.45 -3.91
N VAL A 50 -38.13 3.01 -5.12
CA VAL A 50 -38.70 4.32 -5.39
C VAL A 50 -39.09 4.37 -6.86
N THR A 51 -40.19 5.05 -7.14
CA THR A 51 -40.59 5.27 -8.53
C THR A 51 -39.93 6.54 -9.06
N LEU A 52 -39.92 6.66 -10.38
CA LEU A 52 -39.30 7.84 -10.99
C LEU A 52 -40.03 9.13 -10.63
N ASP A 53 -41.30 9.05 -10.27
CA ASP A 53 -42.03 10.22 -9.80
C ASP A 53 -42.03 10.38 -8.28
N GLY A 54 -41.11 9.71 -7.59
CA GLY A 54 -40.82 10.07 -6.21
C GLY A 54 -41.60 9.36 -5.13
N GLU A 55 -42.29 8.27 -5.45
CA GLU A 55 -43.04 7.51 -4.47
C GLU A 55 -42.14 6.44 -3.86
N LEU A 56 -42.01 6.44 -2.54
CA LEU A 56 -41.27 5.42 -1.84
C LEU A 56 -42.13 4.16 -1.66
N MET A 57 -41.48 3.00 -1.71
CA MET A 57 -42.15 1.72 -1.66
C MET A 57 -41.42 0.80 -0.68
N GLY A 58 -42.07 -0.30 -0.32
CA GLY A 58 -41.44 -1.28 0.55
C GLY A 58 -41.15 -0.71 1.93
N THR A 59 -39.92 -0.91 2.40
CA THR A 59 -39.45 -0.36 3.67
C THR A 59 -38.51 0.81 3.46
N THR A 60 -38.56 1.44 2.28
CA THR A 60 -37.57 2.43 1.89
C THR A 60 -37.81 3.75 2.61
N GLN A 61 -36.74 4.32 3.17
CA GLN A 61 -36.78 5.63 3.81
C GLN A 61 -35.60 6.45 3.30
N LEU A 62 -35.44 7.65 3.86
CA LEU A 62 -34.52 8.63 3.29
C LEU A 62 -33.13 8.59 3.90
N LEU A 63 -33.01 8.25 5.17
CA LEU A 63 -31.72 8.38 5.85
C LEU A 63 -30.76 7.30 5.38
N PRO A 64 -29.62 7.65 4.79
CA PRO A 64 -28.68 6.62 4.32
C PRO A 64 -28.11 5.76 5.44
N SER A 65 -27.95 6.31 6.64
CA SER A 65 -27.36 5.58 7.75
C SER A 65 -28.32 4.60 8.41
N GLN A 66 -29.62 4.70 8.11
CA GLN A 66 -30.64 3.94 8.82
C GLN A 66 -31.07 2.67 8.09
N ILE A 67 -30.42 2.34 6.96
CA ILE A 67 -30.79 1.15 6.22
C ILE A 67 -30.17 -0.06 6.92
N CYS A 68 -31.02 -0.97 7.39
CA CYS A 68 -30.65 -2.09 8.24
C CYS A 68 -30.24 -1.65 9.65
N ALA A 69 -30.59 -0.44 10.04
CA ALA A 69 -30.46 -0.01 11.43
C ALA A 69 -31.77 -0.24 12.16
N PHE A 70 -31.72 -0.20 13.48
CA PHE A 70 -32.97 -0.18 14.24
C PHE A 70 -32.80 0.66 15.50
N ARG A 71 -33.93 0.88 16.15
CA ARG A 71 -34.03 1.73 17.33
C ARG A 71 -35.09 1.13 18.22
N GLY A 72 -34.84 1.14 19.53
CA GLY A 72 -35.85 0.62 20.44
C GLY A 72 -35.29 0.32 21.82
N THR A 73 -35.92 -0.65 22.48
CA THR A 73 -35.62 -0.98 23.87
C THR A 73 -35.18 -2.44 23.96
N LEU A 74 -34.07 -2.67 24.64
CA LEU A 74 -33.50 -4.01 24.77
C LEU A 74 -33.99 -4.68 26.05
N THR A 75 -34.19 -6.00 25.97
CA THR A 75 -34.37 -6.87 27.13
C THR A 75 -33.68 -8.19 26.86
N ARG A 76 -33.64 -9.06 27.87
CA ARG A 76 -32.90 -10.31 27.77
C ARG A 76 -33.84 -11.49 27.49
N SER A 77 -33.27 -12.52 26.86
CA SER A 77 -34.00 -13.76 26.61
C SER A 77 -33.04 -14.95 26.67
N LEU A 92 -17.90 -16.34 19.79
CA LEU A 92 -19.15 -17.06 20.03
C LEU A 92 -20.23 -16.09 20.54
N PHE A 93 -21.08 -15.64 19.62
CA PHE A 93 -22.18 -14.72 19.94
C PHE A 93 -23.30 -15.53 20.58
N ASN A 94 -23.17 -15.76 21.89
CA ASN A 94 -24.07 -16.64 22.61
C ASN A 94 -24.96 -15.92 23.62
N TYR A 95 -24.90 -14.59 23.67
CA TYR A 95 -25.84 -13.81 24.48
C TYR A 95 -26.98 -13.33 23.58
N TYR A 96 -28.20 -13.70 23.93
CA TYR A 96 -29.40 -13.37 23.15
C TYR A 96 -30.19 -12.29 23.85
N TRP A 97 -30.67 -11.32 23.07
CA TRP A 97 -31.41 -10.19 23.61
C TRP A 97 -32.64 -9.91 22.75
N HIS A 98 -33.70 -9.47 23.41
CA HIS A 98 -34.95 -9.11 22.76
C HIS A 98 -35.00 -7.60 22.58
N ILE A 99 -35.38 -7.16 21.38
CA ILE A 99 -35.48 -5.73 21.05
C ILE A 99 -36.93 -5.42 20.73
N GLN A 100 -37.51 -4.49 21.48
CA GLN A 100 -38.83 -3.95 21.17
C GLN A 100 -38.62 -2.72 20.27
N LEU A 101 -39.08 -2.81 19.03
CA LEU A 101 -38.71 -1.85 18.00
C LEU A 101 -39.57 -0.59 18.08
N ASP A 102 -38.91 0.56 17.99
CA ASP A 102 -39.56 1.84 17.74
C ASP A 102 -39.39 2.20 16.27
N ASN A 103 -39.98 3.33 15.88
CA ASN A 103 -39.70 3.86 14.55
C ASN A 103 -38.38 4.63 14.57
N LEU A 104 -37.75 4.71 13.39
CA LEU A 104 -36.45 5.37 13.29
C LEU A 104 -36.49 6.82 13.77
N ASN A 105 -37.66 7.46 13.73
CA ASN A 105 -37.82 8.81 14.28
C ASN A 105 -38.18 8.78 15.77
N GLY A 106 -37.99 7.66 16.44
CA GLY A 106 -38.26 7.56 17.86
C GLY A 106 -39.71 7.37 18.25
N THR A 107 -40.65 7.52 17.30
CA THR A 107 -42.07 7.33 17.57
C THR A 107 -42.41 5.83 17.63
N PRO A 108 -43.41 5.44 18.41
CA PRO A 108 -43.72 4.01 18.56
C PRO A 108 -44.16 3.39 17.25
N TYR A 109 -43.78 2.13 17.05
CA TYR A 109 -44.02 1.44 15.78
C TYR A 109 -45.41 0.81 15.79
N ASP A 110 -46.16 1.05 14.71
CA ASP A 110 -47.53 0.57 14.59
C ASP A 110 -47.59 -0.55 13.56
N PRO A 111 -47.73 -1.81 13.99
CA PRO A 111 -47.83 -2.91 13.01
C PRO A 111 -49.01 -2.80 12.07
N ALA A 112 -49.95 -1.90 12.34
CA ALA A 112 -51.15 -1.77 11.52
C ALA A 112 -50.89 -1.03 10.20
N GLU A 113 -49.80 -0.28 10.09
CA GLU A 113 -49.56 0.48 8.89
C GLU A 113 -49.27 -0.43 7.70
N ASP A 114 -49.51 0.09 6.50
CA ASP A 114 -49.43 -0.69 5.27
C ASP A 114 -48.00 -0.74 4.72
N ILE A 115 -47.10 -1.25 5.56
CA ILE A 115 -45.70 -1.44 5.16
C ILE A 115 -45.28 -2.85 5.56
N PRO A 116 -44.29 -3.46 4.89
CA PRO A 116 -43.94 -4.85 5.21
C PRO A 116 -43.33 -5.01 6.58
N ALA A 117 -42.74 -3.95 7.13
CA ALA A 117 -41.94 -3.96 8.34
C ALA A 117 -41.55 -2.52 8.65
N PRO A 118 -40.95 -2.22 9.80
CA PRO A 118 -40.47 -0.85 10.03
C PRO A 118 -39.50 -0.43 8.92
N LEU A 119 -39.59 0.83 8.53
CA LEU A 119 -38.71 1.34 7.49
C LEU A 119 -37.26 1.07 7.84
N GLY A 120 -36.48 0.69 6.82
CA GLY A 120 -35.07 0.38 7.02
C GLY A 120 -34.79 -1.03 7.46
N THR A 121 -35.81 -1.84 7.71
CA THR A 121 -35.60 -3.23 8.09
C THR A 121 -34.83 -3.96 6.99
N PRO A 122 -33.87 -4.82 7.34
CA PRO A 122 -33.13 -5.58 6.32
C PRO A 122 -34.08 -6.34 5.40
N ASP A 123 -33.69 -6.45 4.13
CA ASP A 123 -34.52 -7.10 3.12
C ASP A 123 -33.82 -8.33 2.52
N PHE A 124 -33.00 -9.01 3.29
CA PHE A 124 -32.36 -10.24 2.84
C PHE A 124 -32.25 -11.22 3.99
N ARG A 125 -32.06 -12.48 3.65
CA ARG A 125 -31.81 -13.51 4.65
C ARG A 125 -30.33 -13.56 4.98
N GLY A 126 -30.03 -13.60 6.27
CA GLY A 126 -28.65 -13.70 6.71
C GLY A 126 -28.51 -13.16 8.12
N LYS A 127 -27.26 -12.85 8.49
CA LYS A 127 -26.92 -12.26 9.77
C LYS A 127 -26.27 -10.90 9.51
N VAL A 128 -26.97 -9.82 9.87
CA VAL A 128 -26.40 -8.49 9.75
C VAL A 128 -25.45 -8.26 10.92
N PHE A 129 -24.18 -8.01 10.61
CA PHE A 129 -23.17 -7.71 11.62
C PHE A 129 -23.11 -6.20 11.84
N GLY A 130 -23.08 -5.80 13.09
CA GLY A 130 -23.05 -4.38 13.43
C GLY A 130 -22.61 -4.15 14.85
N VAL A 131 -23.06 -3.03 15.41
CA VAL A 131 -22.77 -2.66 16.80
C VAL A 131 -24.05 -2.17 17.45
N ALA A 132 -24.44 -2.80 18.56
CA ALA A 132 -25.53 -2.33 19.39
C ALA A 132 -24.99 -1.41 20.46
N SER A 133 -25.67 -0.31 20.70
CA SER A 133 -25.23 0.70 21.66
C SER A 133 -26.41 1.17 22.48
N GLN A 134 -26.12 1.67 23.67
CA GLN A 134 -27.13 2.19 24.59
C GLN A 134 -26.62 3.45 25.25
N ARG A 135 -27.55 4.31 25.65
CA ARG A 135 -27.26 5.47 26.49
C ARG A 135 -28.38 5.57 27.52
N ASN A 136 -28.03 5.46 28.79
CA ASN A 136 -29.02 5.46 29.85
C ASN A 136 -29.37 6.88 30.27
N PRO A 137 -30.52 7.08 30.94
CA PRO A 137 -30.85 8.41 31.44
C PRO A 137 -29.81 8.99 32.38
N ASP A 138 -29.08 8.16 33.13
CA ASP A 138 -28.01 8.68 33.97
C ASP A 138 -26.73 8.97 33.18
N SER A 139 -26.82 8.90 31.85
CA SER A 139 -25.79 9.21 30.86
C SER A 139 -24.73 8.11 30.72
N THR A 140 -24.83 6.99 31.43
CA THR A 140 -23.89 5.90 31.20
C THR A 140 -24.16 5.25 29.84
N THR A 141 -23.09 4.78 29.19
CA THR A 141 -23.17 4.30 27.82
C THR A 141 -22.47 2.97 27.65
N ARG A 142 -22.93 2.21 26.64
CA ARG A 142 -22.36 0.92 26.26
C ARG A 142 -22.48 0.74 24.75
N ALA A 143 -21.51 0.04 24.16
CA ALA A 143 -21.63 -0.39 22.78
C ALA A 143 -20.71 -1.59 22.54
N HIS A 144 -21.25 -2.62 21.89
CA HIS A 144 -20.50 -3.83 21.58
C HIS A 144 -21.04 -4.45 20.30
N GLU A 145 -20.23 -5.31 19.69
CA GLU A 145 -20.63 -6.00 18.47
C GLU A 145 -21.94 -6.77 18.66
N ALA A 146 -22.75 -6.81 17.61
CA ALA A 146 -24.03 -7.52 17.67
C ALA A 146 -24.35 -8.04 16.28
N LYS A 147 -25.20 -9.06 16.24
CA LYS A 147 -25.69 -9.62 14.98
C LYS A 147 -27.21 -9.65 15.00
N VAL A 148 -27.81 -9.44 13.82
CA VAL A 148 -29.24 -9.59 13.62
C VAL A 148 -29.43 -10.71 12.61
N ASP A 149 -29.90 -11.86 13.07
CA ASP A 149 -30.20 -12.99 12.19
C ASP A 149 -31.63 -12.82 11.67
N THR A 150 -31.75 -12.49 10.39
CA THR A 150 -33.07 -12.26 9.80
C THR A 150 -33.80 -13.56 9.45
N THR A 151 -33.15 -14.71 9.62
CA THR A 151 -33.79 -16.00 9.38
C THR A 151 -34.37 -16.63 10.64
N SER A 152 -34.10 -16.06 11.82
CA SER A 152 -34.56 -16.64 13.05
C SER A 152 -36.07 -16.47 13.22
N GLY A 153 -36.67 -17.41 13.95
CA GLY A 153 -38.09 -17.31 14.25
C GLY A 153 -38.44 -16.08 15.07
N ARG A 154 -37.48 -15.53 15.80
CA ARG A 154 -37.68 -14.33 16.60
C ARG A 154 -37.41 -13.05 15.81
N PHE A 155 -37.15 -13.16 14.52
CA PHE A 155 -37.09 -12.00 13.63
C PHE A 155 -38.50 -11.70 13.15
N THR A 156 -39.23 -10.90 13.91
CA THR A 156 -40.60 -10.51 13.57
C THR A 156 -40.77 -9.00 13.65
N PRO A 157 -39.98 -8.24 12.89
CA PRO A 157 -40.09 -6.77 12.99
C PRO A 157 -41.46 -6.24 12.62
N LYS A 158 -42.17 -6.90 11.70
CA LYS A 158 -43.54 -6.48 11.40
C LYS A 158 -44.40 -6.54 12.65
N LEU A 159 -44.19 -7.55 13.50
CA LEU A 159 -44.89 -7.64 14.78
C LEU A 159 -44.33 -6.68 15.81
N GLY A 160 -43.16 -6.09 15.57
CA GLY A 160 -42.61 -5.08 16.44
C GLY A 160 -41.42 -5.47 17.26
N SER A 161 -40.78 -6.60 16.97
CA SER A 161 -39.67 -7.07 17.79
C SER A 161 -38.73 -7.91 16.96
N LEU A 162 -37.47 -7.95 17.38
CA LEU A 162 -36.50 -8.87 16.79
C LEU A 162 -35.49 -9.24 17.88
N GLU A 163 -34.52 -10.06 17.51
CA GLU A 163 -33.55 -10.61 18.45
C GLU A 163 -32.14 -10.37 17.93
N ILE A 164 -31.25 -9.94 18.82
CA ILE A 164 -29.84 -9.80 18.51
C ILE A 164 -29.05 -10.79 19.35
N THR A 165 -27.87 -11.16 18.85
CA THR A 165 -26.90 -11.91 19.62
C THR A 165 -25.64 -11.06 19.76
N THR A 166 -24.96 -11.20 20.89
CA THR A 166 -23.75 -10.44 21.16
C THR A 166 -22.68 -11.33 21.75
N GLU A 167 -21.44 -10.89 21.62
CA GLU A 167 -20.33 -11.56 22.29
C GLU A 167 -20.19 -11.07 23.73
N SER A 168 -20.45 -9.79 23.97
CA SER A 168 -20.32 -9.17 25.28
C SER A 168 -21.63 -9.29 26.06
N ASP A 169 -21.50 -9.38 27.38
CA ASP A 169 -22.66 -9.36 28.27
C ASP A 169 -22.98 -7.98 28.82
N ASP A 170 -22.20 -6.97 28.42
CA ASP A 170 -22.32 -5.61 28.94
C ASP A 170 -23.46 -4.87 28.23
N PHE A 171 -24.68 -5.25 28.61
CA PHE A 171 -25.89 -4.59 28.13
C PHE A 171 -26.90 -4.50 29.25
N ASP A 172 -27.53 -3.32 29.38
CA ASP A 172 -28.51 -3.09 30.44
C ASP A 172 -29.91 -3.27 29.89
N PRO A 173 -30.74 -4.11 30.51
CA PRO A 173 -32.12 -4.26 30.04
C PRO A 173 -32.93 -2.99 30.25
N ASN A 174 -33.99 -2.88 29.45
CA ASN A 174 -34.95 -1.77 29.51
C ASN A 174 -34.31 -0.42 29.16
N GLN A 175 -33.17 -0.43 28.48
CA GLN A 175 -32.56 0.84 28.11
C GLN A 175 -32.68 1.10 26.61
N PRO A 176 -32.70 2.38 26.21
CA PRO A 176 -32.78 2.69 24.77
C PRO A 176 -31.55 2.18 24.02
N THR A 177 -31.80 1.49 22.92
CA THR A 177 -30.77 0.73 22.23
C THR A 177 -30.83 1.04 20.73
N LYS A 178 -29.67 1.29 20.15
CA LYS A 178 -29.54 1.53 18.72
C LYS A 178 -28.66 0.45 18.11
N PHE A 179 -28.86 0.17 16.83
CA PHE A 179 -28.04 -0.78 16.09
C PHE A 179 -27.43 -0.07 14.89
N THR A 180 -26.10 -0.16 14.78
CA THR A 180 -25.37 0.44 13.67
C THR A 180 -24.89 -0.65 12.73
N PRO A 181 -25.44 -0.77 11.53
CA PRO A 181 -25.02 -1.86 10.64
C PRO A 181 -23.62 -1.65 10.11
N VAL A 182 -22.86 -2.75 10.00
CA VAL A 182 -21.50 -2.73 9.49
C VAL A 182 -21.33 -3.63 8.28
N GLY A 183 -21.92 -4.83 8.31
CA GLY A 183 -21.77 -5.77 7.21
C GLY A 183 -22.48 -7.09 7.49
N VAL A 184 -22.01 -8.19 6.90
CA VAL A 184 -22.60 -9.50 7.16
C VAL A 184 -21.79 -10.21 8.24
N GLY A 185 -22.45 -11.10 8.97
CA GLY A 185 -21.82 -11.86 10.03
C GLY A 185 -22.23 -13.31 10.03
N VAL A 186 -22.31 -13.91 8.85
CA VAL A 186 -22.69 -15.31 8.74
C VAL A 186 -21.48 -16.21 9.00
N ASP A 187 -21.73 -17.37 9.59
CA ASP A 187 -20.68 -18.38 9.75
C ASP A 187 -20.52 -19.19 8.47
N ASN A 188 -21.62 -19.79 8.01
CA ASN A 188 -21.64 -20.40 6.68
C ASN A 188 -21.96 -19.33 5.64
N GLU A 189 -21.22 -19.36 4.53
CA GLU A 189 -21.39 -18.37 3.49
C GLU A 189 -22.75 -18.48 2.79
N ALA A 190 -23.38 -19.65 2.81
CA ALA A 190 -24.66 -19.81 2.15
C ALA A 190 -25.82 -19.17 2.93
N GLU A 191 -25.58 -18.74 4.18
CA GLU A 191 -26.65 -18.10 4.93
C GLU A 191 -27.00 -16.72 4.41
N PHE A 192 -26.08 -16.06 3.69
CA PHE A 192 -26.34 -14.73 3.14
C PHE A 192 -26.97 -14.90 1.76
N GLN A 193 -28.28 -14.65 1.67
CA GLN A 193 -29.04 -14.78 0.42
C GLN A 193 -29.68 -13.43 0.15
N GLN A 194 -28.99 -12.59 -0.62
CA GLN A 194 -29.40 -11.22 -0.82
C GLN A 194 -30.73 -11.10 -1.57
N TRP A 195 -31.17 -12.16 -2.25
CA TRP A 195 -32.41 -12.10 -3.02
C TRP A 195 -33.54 -12.89 -2.38
N SER A 196 -33.36 -13.39 -1.17
CA SER A 196 -34.42 -14.03 -0.41
C SER A 196 -34.86 -13.06 0.68
N LEU A 197 -36.08 -12.56 0.57
CA LEU A 197 -36.64 -11.74 1.63
C LEU A 197 -36.84 -12.57 2.89
N PRO A 198 -36.63 -11.98 4.07
CA PRO A 198 -36.95 -12.68 5.31
C PRO A 198 -38.45 -12.66 5.56
N ASN A 199 -38.86 -13.40 6.59
CA ASN A 199 -40.25 -13.39 7.03
C ASN A 199 -40.39 -12.27 8.06
N TYR A 200 -40.98 -11.15 7.63
CA TYR A 200 -41.11 -9.99 8.50
C TYR A 200 -42.00 -10.27 9.71
N SER A 201 -42.92 -11.21 9.61
CA SER A 201 -43.73 -11.62 10.75
C SER A 201 -43.35 -13.00 11.27
N GLY A 202 -42.19 -13.51 10.87
CA GLY A 202 -41.80 -14.84 11.30
C GLY A 202 -42.67 -15.89 10.62
N GLN A 203 -42.97 -16.96 11.36
CA GLN A 203 -43.87 -17.99 10.85
C GLN A 203 -45.33 -17.65 11.08
N PHE A 204 -45.63 -16.50 11.69
CA PHE A 204 -47.01 -16.17 12.04
C PHE A 204 -47.86 -15.91 10.81
N THR A 205 -47.29 -15.27 9.79
CA THR A 205 -47.99 -15.03 8.53
C THR A 205 -46.96 -14.66 7.47
N HIS A 206 -47.45 -14.47 6.25
CA HIS A 206 -46.61 -14.13 5.10
C HIS A 206 -46.39 -12.62 5.00
N ASN A 207 -45.43 -12.23 4.17
CA ASN A 207 -45.12 -10.82 3.99
C ASN A 207 -46.26 -10.11 3.26
N MET A 208 -46.44 -8.83 3.59
CA MET A 208 -47.50 -8.03 3.00
C MET A 208 -46.96 -6.66 2.62
N ASN A 209 -47.71 -5.96 1.76
CA ASN A 209 -47.40 -4.59 1.37
C ASN A 209 -46.03 -4.48 0.70
N LEU A 210 -45.64 -5.53 -0.01
CA LEU A 210 -44.32 -5.58 -0.61
C LEU A 210 -44.23 -4.65 -1.82
N ALA A 211 -43.08 -4.01 -1.99
CA ALA A 211 -42.78 -3.38 -3.26
C ALA A 211 -42.75 -4.45 -4.35
N PRO A 212 -43.25 -4.14 -5.55
CA PRO A 212 -43.34 -5.19 -6.58
C PRO A 212 -41.96 -5.67 -7.02
N ALA A 213 -41.89 -6.97 -7.35
CA ALA A 213 -40.68 -7.51 -7.93
C ALA A 213 -40.49 -7.00 -9.35
N VAL A 214 -39.24 -7.01 -9.81
CA VAL A 214 -38.88 -6.43 -11.10
C VAL A 214 -38.10 -7.44 -11.93
N ALA A 215 -38.21 -7.30 -13.25
CA ALA A 215 -37.52 -8.19 -14.18
C ALA A 215 -37.37 -7.45 -15.51
N PRO A 216 -36.31 -7.75 -16.27
CA PRO A 216 -36.24 -7.21 -17.64
C PRO A 216 -37.34 -7.82 -18.49
N ASN A 217 -37.75 -7.07 -19.51
CA ASN A 217 -38.91 -7.45 -20.31
C ASN A 217 -38.65 -7.20 -21.79
N PHE A 218 -37.41 -7.40 -22.24
CA PHE A 218 -37.06 -7.10 -23.61
C PHE A 218 -35.95 -8.06 -24.01
N PRO A 219 -35.94 -8.56 -25.25
CA PRO A 219 -34.96 -9.59 -25.62
C PRO A 219 -33.53 -9.07 -25.51
N GLY A 220 -32.67 -9.88 -24.90
CA GLY A 220 -31.28 -9.53 -24.73
C GLY A 220 -30.99 -8.57 -23.59
N GLU A 221 -31.99 -8.22 -22.80
CA GLU A 221 -31.83 -7.23 -21.74
C GLU A 221 -31.73 -7.92 -20.37
N GLN A 222 -30.82 -7.41 -19.54
CA GLN A 222 -30.66 -7.85 -18.17
C GLN A 222 -30.73 -6.65 -17.26
N LEU A 223 -31.01 -6.91 -15.97
CA LEU A 223 -30.96 -5.85 -14.98
C LEU A 223 -29.53 -5.34 -14.82
N LEU A 224 -29.42 -4.03 -14.55
CA LEU A 224 -28.15 -3.40 -14.20
C LEU A 224 -28.21 -3.06 -12.72
N PHE A 225 -27.23 -3.54 -11.96
CA PHE A 225 -27.22 -3.41 -10.52
C PHE A 225 -26.15 -2.42 -10.08
N PHE A 226 -26.45 -1.67 -9.03
CA PHE A 226 -25.45 -0.90 -8.31
C PHE A 226 -24.95 -1.79 -7.18
N ARG A 227 -23.71 -2.23 -7.27
CA ARG A 227 -23.18 -3.29 -6.44
C ARG A 227 -22.24 -2.73 -5.37
N SER A 228 -22.42 -3.21 -4.14
CA SER A 228 -21.48 -3.01 -3.07
C SER A 228 -20.96 -4.36 -2.59
N GLN A 229 -19.77 -4.34 -2.01
CA GLN A 229 -19.16 -5.51 -1.38
C GLN A 229 -19.02 -5.20 0.09
N LEU A 230 -19.88 -5.82 0.91
CA LEU A 230 -20.01 -5.49 2.32
C LEU A 230 -18.88 -6.11 3.15
N PRO A 231 -18.51 -5.48 4.26
CA PRO A 231 -17.61 -6.13 5.22
C PRO A 231 -18.20 -7.43 5.74
N SER A 232 -17.31 -8.34 6.12
CA SER A 232 -17.68 -9.64 6.64
C SER A 232 -16.83 -9.92 7.87
N SER A 233 -17.48 -10.29 8.97
CA SER A 233 -16.73 -10.44 10.21
C SER A 233 -15.99 -11.77 10.30
N GLY A 234 -16.28 -12.72 9.42
CA GLY A 234 -15.53 -13.96 9.34
C GLY A 234 -16.02 -14.79 8.17
N GLY A 235 -15.27 -15.85 7.90
CA GLY A 235 -15.64 -16.72 6.79
C GLY A 235 -15.15 -16.17 5.45
N ARG A 236 -15.83 -16.62 4.39
CA ARG A 236 -15.43 -16.29 3.03
C ARG A 236 -16.54 -15.62 2.22
N SER A 237 -17.58 -15.12 2.89
CA SER A 237 -18.70 -14.48 2.20
C SER A 237 -18.20 -13.31 1.35
N ASN A 238 -18.65 -13.26 0.09
CA ASN A 238 -18.24 -12.14 -0.74
C ASN A 238 -18.91 -10.84 -0.33
N GLY A 239 -19.98 -10.91 0.47
CA GLY A 239 -20.65 -9.71 0.92
C GLY A 239 -21.33 -8.91 -0.17
N VAL A 240 -21.53 -9.52 -1.34
CA VAL A 240 -22.07 -8.80 -2.49
C VAL A 240 -23.52 -8.42 -2.22
N LEU A 241 -23.82 -7.13 -2.34
CA LEU A 241 -25.18 -6.61 -2.15
C LEU A 241 -25.50 -5.69 -3.33
N ASP A 242 -26.51 -6.08 -4.11
CA ASP A 242 -26.92 -5.32 -5.29
C ASP A 242 -28.19 -4.56 -4.98
N CYS A 243 -28.24 -3.30 -5.41
CA CYS A 243 -29.43 -2.47 -5.26
C CYS A 243 -29.86 -1.94 -6.62
N LEU A 244 -31.17 -1.72 -6.76
CA LEU A 244 -31.72 -1.33 -8.04
C LEU A 244 -31.36 0.10 -8.40
N VAL A 245 -31.16 0.94 -7.40
CA VAL A 245 -30.99 2.38 -7.60
C VAL A 245 -30.19 2.90 -6.42
N PRO A 246 -29.23 3.80 -6.62
CA PRO A 246 -28.48 4.33 -5.48
C PRO A 246 -29.35 5.16 -4.55
N GLN A 247 -28.94 5.25 -3.29
CA GLN A 247 -29.73 5.95 -2.29
C GLN A 247 -29.91 7.42 -2.65
N GLU A 248 -28.95 8.00 -3.36
CA GLU A 248 -29.08 9.39 -3.76
C GLU A 248 -30.25 9.59 -4.72
N TRP A 249 -30.46 8.63 -5.64
CA TRP A 249 -31.61 8.72 -6.53
C TRP A 249 -32.92 8.58 -5.76
N VAL A 250 -32.94 7.70 -4.76
CA VAL A 250 -34.09 7.63 -3.84
C VAL A 250 -34.38 9.01 -3.27
N GLN A 251 -33.34 9.67 -2.78
CA GLN A 251 -33.52 10.99 -2.17
C GLN A 251 -33.88 12.04 -3.23
N HIS A 252 -33.28 11.94 -4.42
CA HIS A 252 -33.52 12.95 -5.45
C HIS A 252 -34.94 12.87 -5.99
N PHE A 253 -35.39 11.66 -6.38
CA PHE A 253 -36.73 11.55 -6.96
C PHE A 253 -37.80 11.91 -5.92
N TYR A 254 -37.54 11.61 -4.65
CA TYR A 254 -38.49 12.01 -3.61
C TYR A 254 -38.61 13.53 -3.53
N GLN A 255 -37.47 14.23 -3.59
CA GLN A 255 -37.49 15.69 -3.60
C GLN A 255 -38.20 16.21 -4.83
N GLU A 256 -37.88 15.66 -6.01
CA GLU A 256 -38.32 16.26 -7.25
C GLU A 256 -39.78 15.92 -7.55
N SER A 257 -40.15 14.65 -7.42
CA SER A 257 -41.50 14.18 -7.75
C SER A 257 -41.92 14.63 -9.14
N ALA A 258 -41.01 14.47 -10.11
CA ALA A 258 -41.34 14.84 -11.48
C ALA A 258 -42.29 13.80 -12.08
N PRO A 259 -43.31 14.24 -12.82
CA PRO A 259 -44.22 13.28 -13.46
C PRO A 259 -43.47 12.37 -14.42
N ALA A 260 -43.76 11.07 -14.33
CA ALA A 260 -43.17 10.10 -15.25
C ALA A 260 -44.02 10.10 -16.52
N GLN A 261 -43.49 10.72 -17.58
CA GLN A 261 -44.29 10.89 -18.79
C GLN A 261 -44.55 9.58 -19.50
N THR A 262 -43.63 8.62 -19.40
CA THR A 262 -43.83 7.28 -19.95
C THR A 262 -43.39 6.26 -18.92
N GLN A 263 -43.45 4.99 -19.31
CA GLN A 263 -43.03 3.89 -18.44
C GLN A 263 -41.51 3.73 -18.38
N VAL A 264 -40.78 4.33 -19.32
CA VAL A 264 -39.35 4.08 -19.50
C VAL A 264 -38.66 5.39 -19.82
N ALA A 265 -37.56 5.67 -19.12
CA ALA A 265 -36.68 6.78 -19.45
C ALA A 265 -35.44 6.24 -20.14
N LEU A 266 -34.98 6.95 -21.16
CA LEU A 266 -33.71 6.63 -21.82
C LEU A 266 -32.59 7.37 -21.11
N VAL A 267 -31.57 6.63 -20.70
CA VAL A 267 -30.43 7.17 -19.98
C VAL A 267 -29.15 6.70 -20.67
N ARG A 268 -28.13 7.55 -20.66
CA ARG A 268 -26.85 7.20 -21.27
C ARG A 268 -25.71 7.50 -20.31
N TYR A 269 -24.69 6.66 -20.32
CA TYR A 269 -23.51 6.82 -19.50
C TYR A 269 -22.44 7.52 -20.34
N VAL A 270 -22.03 8.72 -19.91
CA VAL A 270 -21.19 9.61 -20.70
C VAL A 270 -19.87 9.83 -19.99
N ASN A 271 -18.78 9.86 -20.77
CA ASN A 271 -17.47 10.20 -20.25
C ASN A 271 -17.18 11.67 -20.56
N PRO A 272 -17.07 12.54 -19.55
CA PRO A 272 -16.76 13.95 -19.83
C PRO A 272 -15.34 14.17 -20.32
N ASP A 273 -14.42 13.25 -20.02
CA ASP A 273 -13.04 13.39 -20.48
C ASP A 273 -12.89 13.14 -21.96
N THR A 274 -13.86 12.48 -22.60
CA THR A 274 -13.82 12.27 -24.03
C THR A 274 -15.07 12.74 -24.75
N GLY A 275 -16.14 13.11 -24.04
CA GLY A 275 -17.40 13.47 -24.65
C GLY A 275 -18.20 12.30 -25.21
N ARG A 276 -17.65 11.10 -25.20
CA ARG A 276 -18.26 9.94 -25.84
C ARG A 276 -19.25 9.26 -24.91
N VAL A 277 -20.32 8.74 -25.50
CA VAL A 277 -21.24 7.87 -24.79
C VAL A 277 -20.65 6.47 -24.75
N LEU A 278 -20.74 5.82 -23.59
CA LEU A 278 -20.18 4.49 -23.43
C LEU A 278 -21.23 3.38 -23.51
N PHE A 279 -22.42 3.60 -22.94
CA PHE A 279 -23.53 2.70 -23.16
C PHE A 279 -24.83 3.41 -22.80
N GLU A 280 -25.94 2.86 -23.30
CA GLU A 280 -27.26 3.39 -22.99
C GLU A 280 -28.06 2.33 -22.23
N ALA A 281 -29.08 2.80 -21.53
CA ALA A 281 -29.84 1.93 -20.63
C ALA A 281 -31.26 2.46 -20.54
N LYS A 282 -32.15 1.58 -20.08
CA LYS A 282 -33.51 1.95 -19.75
C LYS A 282 -33.63 2.14 -18.24
N LEU A 283 -34.24 3.26 -17.84
CA LEU A 283 -34.59 3.50 -16.43
C LEU A 283 -36.10 3.38 -16.35
N HIS A 284 -36.59 2.29 -15.77
CA HIS A 284 -38.01 2.00 -15.76
C HIS A 284 -38.72 2.75 -14.64
N LYS A 285 -40.03 3.00 -14.85
CA LYS A 285 -40.79 3.83 -13.92
C LYS A 285 -40.78 3.27 -12.51
N LEU A 286 -40.73 1.95 -12.36
CA LEU A 286 -40.77 1.33 -11.04
C LEU A 286 -39.43 1.39 -10.31
N GLY A 287 -38.42 2.04 -10.89
CA GLY A 287 -37.18 2.28 -10.19
C GLY A 287 -36.13 1.21 -10.35
N PHE A 288 -35.84 0.83 -11.60
CA PHE A 288 -34.78 -0.14 -11.87
C PHE A 288 -34.32 0.07 -13.31
N MET A 289 -33.16 -0.51 -13.63
CA MET A 289 -32.51 -0.28 -14.90
C MET A 289 -32.23 -1.59 -15.63
N THR A 290 -32.26 -1.54 -16.95
CA THR A 290 -31.89 -2.66 -17.78
C THR A 290 -30.92 -2.21 -18.87
N ILE A 291 -30.10 -3.14 -19.34
CA ILE A 291 -29.15 -2.91 -20.41
C ILE A 291 -29.19 -4.09 -21.36
N ALA A 292 -28.69 -3.86 -22.58
CA ALA A 292 -28.58 -4.92 -23.59
C ALA A 292 -27.25 -5.63 -23.37
N LYS A 293 -27.27 -6.72 -22.60
CA LYS A 293 -26.07 -7.48 -22.32
C LYS A 293 -26.47 -8.87 -21.88
N ASN A 294 -25.62 -9.85 -22.19
CA ASN A 294 -25.86 -11.25 -21.89
C ASN A 294 -24.72 -11.77 -21.02
N GLY A 295 -25.05 -12.24 -19.83
CA GLY A 295 -24.09 -12.88 -18.96
C GLY A 295 -23.87 -12.17 -17.63
N ASP A 296 -23.24 -12.85 -16.69
CA ASP A 296 -22.87 -12.24 -15.42
C ASP A 296 -21.53 -11.51 -15.61
N SER A 297 -21.54 -10.19 -15.46
CA SER A 297 -20.36 -9.42 -15.84
C SER A 297 -20.38 -8.07 -15.14
N PRO A 298 -19.22 -7.54 -14.77
CA PRO A 298 -19.14 -6.13 -14.37
C PRO A 298 -19.26 -5.21 -15.58
N ILE A 299 -19.64 -3.97 -15.31
CA ILE A 299 -19.69 -2.93 -16.33
C ILE A 299 -18.57 -1.95 -15.98
N THR A 300 -17.47 -2.02 -16.73
CA THR A 300 -16.32 -1.17 -16.45
C THR A 300 -16.60 0.26 -16.90
N VAL A 301 -16.43 1.22 -15.99
CA VAL A 301 -16.75 2.61 -16.29
C VAL A 301 -15.59 3.50 -15.85
N PRO A 302 -15.31 4.59 -16.57
CA PRO A 302 -14.21 5.47 -16.19
C PRO A 302 -14.57 6.27 -14.94
N PRO A 303 -13.57 6.79 -14.23
CA PRO A 303 -13.84 7.42 -12.93
C PRO A 303 -14.71 8.68 -13.00
N ASN A 304 -14.77 9.37 -14.14
CA ASN A 304 -15.53 10.61 -14.22
C ASN A 304 -16.85 10.47 -14.95
N GLY A 305 -17.22 9.25 -15.37
CA GLY A 305 -18.48 9.07 -16.06
C GLY A 305 -19.68 9.22 -15.14
N TYR A 306 -20.84 9.43 -15.76
CA TYR A 306 -22.07 9.60 -15.03
C TYR A 306 -23.25 9.30 -15.94
N PHE A 307 -24.38 8.99 -15.32
CA PHE A 307 -25.62 8.75 -16.05
C PHE A 307 -26.27 10.08 -16.41
N ARG A 308 -26.71 10.19 -17.66
CA ARG A 308 -27.35 11.39 -18.17
C ARG A 308 -28.74 11.01 -18.69
N PHE A 309 -29.77 11.67 -18.17
CA PHE A 309 -31.13 11.44 -18.66
C PHE A 309 -31.27 12.05 -20.05
N GLU A 310 -31.69 11.22 -21.02
CA GLU A 310 -31.86 11.66 -22.40
C GLU A 310 -33.31 12.14 -22.63
N SER A 311 -34.26 11.22 -22.56
CA SER A 311 -35.67 11.56 -22.70
C SER A 311 -36.51 10.35 -22.30
N TRP A 312 -37.83 10.56 -22.31
CA TRP A 312 -38.78 9.48 -22.12
C TRP A 312 -38.94 8.70 -23.41
N VAL A 313 -38.98 7.38 -23.30
CA VAL A 313 -39.22 6.54 -24.45
C VAL A 313 -40.35 5.57 -24.10
N ASN A 314 -40.52 4.52 -24.91
CA ASN A 314 -41.48 3.48 -24.64
C ASN A 314 -40.77 2.15 -24.38
N PRO A 315 -41.46 1.15 -23.81
CA PRO A 315 -40.76 -0.11 -23.48
C PRO A 315 -40.26 -0.88 -24.69
N PHE A 316 -40.64 -0.52 -25.91
CA PHE A 316 -40.19 -1.25 -27.09
C PHE A 316 -38.89 -0.72 -27.66
N TYR A 317 -38.26 0.26 -27.00
CA TYR A 317 -36.95 0.75 -27.43
C TYR A 317 -35.93 -0.37 -27.48
N THR A 318 -35.03 -0.31 -28.46
CA THR A 318 -33.97 -1.30 -28.61
C THR A 318 -32.64 -0.63 -28.30
N LEU A 319 -32.07 -0.98 -27.15
CA LEU A 319 -30.79 -0.43 -26.73
C LEU A 319 -29.66 -1.05 -27.56
N ALA A 320 -28.59 -0.28 -27.73
CA ALA A 320 -27.43 -0.80 -28.42
C ALA A 320 -26.72 -1.82 -27.53
N PRO A 321 -26.21 -2.91 -28.10
CA PRO A 321 -25.58 -3.94 -27.27
C PRO A 321 -24.27 -3.44 -26.66
N MET A 322 -23.99 -3.90 -25.45
CA MET A 322 -22.80 -3.49 -24.73
C MET A 322 -21.61 -4.39 -25.07
N SER B 6 -34.94 35.05 -19.26
CA SER B 6 -33.62 34.44 -19.06
C SER B 6 -33.04 34.83 -17.70
N LYS B 7 -33.29 34.01 -16.68
CA LYS B 7 -32.93 34.33 -15.31
C LYS B 7 -31.88 33.35 -14.78
N THR B 8 -31.22 33.76 -13.70
CA THR B 8 -30.24 32.93 -13.01
C THR B 8 -30.92 31.73 -12.37
N LYS B 9 -30.11 30.73 -12.04
CA LYS B 9 -30.63 29.54 -11.37
C LYS B 9 -31.01 29.90 -9.94
N PRO B 10 -32.24 29.62 -9.52
CA PRO B 10 -32.67 30.04 -8.18
C PRO B 10 -32.09 29.14 -7.10
N PHE B 11 -31.73 29.76 -5.98
CA PHE B 11 -31.26 29.00 -4.83
C PHE B 11 -32.44 28.32 -4.14
N THR B 12 -32.29 27.03 -3.83
CA THR B 12 -33.32 26.26 -3.16
C THR B 12 -32.71 25.44 -2.04
N LEU B 13 -33.54 25.07 -1.08
CA LEU B 13 -33.27 24.08 -0.06
C LEU B 13 -34.10 22.83 -0.33
N PRO B 14 -33.60 21.64 0.00
CA PRO B 14 -34.45 20.45 -0.04
C PRO B 14 -35.50 20.53 1.07
N ILE B 15 -36.66 19.93 0.80
CA ILE B 15 -37.76 19.93 1.77
C ILE B 15 -37.59 18.70 2.64
N LEU B 16 -37.08 18.90 3.86
CA LEU B 16 -36.82 17.82 4.79
C LEU B 16 -37.18 18.26 6.19
N THR B 17 -37.81 17.36 6.95
CA THR B 17 -38.00 17.61 8.36
C THR B 17 -36.69 17.32 9.11
N ILE B 18 -36.70 17.59 10.41
CA ILE B 18 -35.49 17.39 11.20
C ILE B 18 -35.15 15.90 11.29
N SER B 19 -36.16 15.04 11.35
CA SER B 19 -35.96 13.60 11.39
C SER B 19 -35.67 13.00 10.02
N GLU B 20 -35.43 13.84 9.00
CA GLU B 20 -35.03 13.35 7.70
C GLU B 20 -33.64 13.85 7.30
N MET B 21 -32.86 14.38 8.25
CA MET B 21 -31.55 14.95 7.97
C MET B 21 -30.44 14.11 8.59
N SER B 22 -29.28 14.17 7.95
CA SER B 22 -28.09 13.45 8.40
C SER B 22 -27.03 14.43 8.87
N ASN B 23 -26.24 14.01 9.84
CA ASN B 23 -25.10 14.80 10.28
C ASN B 23 -24.04 14.79 9.19
N SER B 24 -23.38 15.93 9.02
CA SER B 24 -22.34 16.04 8.01
C SER B 24 -20.94 15.88 8.60
N ARG B 25 -20.85 15.60 9.90
CA ARG B 25 -19.57 15.31 10.55
C ARG B 25 -19.50 13.88 11.07
N PHE B 26 -20.54 13.07 10.85
CA PHE B 26 -20.60 11.67 11.27
C PHE B 26 -21.80 10.99 10.62
N PRO B 27 -21.71 9.70 10.27
CA PRO B 27 -22.83 9.04 9.55
C PRO B 27 -23.99 8.64 10.45
N VAL B 28 -24.63 9.64 11.06
CA VAL B 28 -25.80 9.42 11.91
C VAL B 28 -26.87 10.43 11.56
N PRO B 29 -28.12 10.14 11.89
CA PRO B 29 -29.19 11.12 11.70
C PRO B 29 -29.03 12.31 12.65
N ILE B 30 -29.69 13.42 12.28
CA ILE B 30 -29.74 14.59 13.14
C ILE B 30 -30.77 14.36 14.23
N ASP B 31 -30.41 14.67 15.48
CA ASP B 31 -31.33 14.48 16.60
C ASP B 31 -32.13 15.73 16.92
N SER B 32 -31.54 16.91 16.80
CA SER B 32 -32.21 18.13 17.23
C SER B 32 -31.50 19.34 16.64
N LEU B 33 -32.12 20.51 16.83
CA LEU B 33 -31.50 21.80 16.58
C LEU B 33 -31.03 22.38 17.91
N HIS B 34 -29.87 23.04 17.88
CA HIS B 34 -29.31 23.58 19.11
C HIS B 34 -28.58 24.88 18.81
N THR B 35 -28.65 25.81 19.76
CA THR B 35 -27.90 27.06 19.69
C THR B 35 -27.12 27.24 20.98
N SER B 36 -25.99 27.94 20.88
CA SER B 36 -25.10 28.08 22.02
C SER B 36 -24.16 29.24 21.74
N PRO B 37 -23.76 30.00 22.77
CA PRO B 37 -22.73 31.01 22.59
C PRO B 37 -21.38 30.37 22.28
N THR B 38 -20.61 31.03 21.41
CA THR B 38 -19.36 30.47 20.92
C THR B 38 -18.24 31.50 20.87
N GLU B 39 -18.38 32.65 21.53
CA GLU B 39 -17.27 33.56 21.62
C GLU B 39 -16.09 32.95 22.36
N ASN B 40 -16.33 31.93 23.18
CA ASN B 40 -15.24 31.22 23.85
C ASN B 40 -14.40 30.42 22.86
N ILE B 41 -15.06 29.74 21.93
CA ILE B 41 -14.41 28.72 21.11
C ILE B 41 -14.27 29.20 19.67
N VAL B 42 -13.43 28.50 18.91
CA VAL B 42 -13.25 28.72 17.48
C VAL B 42 -13.95 27.59 16.74
N VAL B 43 -14.97 27.92 15.97
CA VAL B 43 -15.74 26.92 15.23
C VAL B 43 -15.11 26.75 13.85
N GLN B 44 -14.38 25.66 13.66
CA GLN B 44 -13.62 25.46 12.43
C GLN B 44 -13.60 23.99 12.03
N CYS B 45 -14.76 23.33 12.14
CA CYS B 45 -14.84 21.95 11.69
C CYS B 45 -14.59 21.87 10.18
N GLN B 46 -14.13 20.70 9.73
CA GLN B 46 -13.69 20.54 8.36
C GLN B 46 -14.58 19.63 7.53
N ASN B 47 -15.42 18.81 8.16
CA ASN B 47 -16.44 18.04 7.45
C ASN B 47 -17.76 18.80 7.49
N GLY B 48 -18.58 18.58 6.47
CA GLY B 48 -19.82 19.33 6.36
C GLY B 48 -19.61 20.80 6.11
N ARG B 49 -18.63 21.14 5.27
CA ARG B 49 -18.32 22.52 4.92
C ARG B 49 -18.60 22.71 3.44
N VAL B 50 -19.58 23.54 3.13
CA VAL B 50 -19.97 23.80 1.75
C VAL B 50 -20.45 25.23 1.66
N THR B 51 -20.13 25.91 0.56
CA THR B 51 -20.69 27.22 0.32
C THR B 51 -22.08 27.07 -0.27
N LEU B 52 -22.86 28.15 -0.19
CA LEU B 52 -24.23 28.10 -0.70
C LEU B 52 -24.26 27.92 -2.21
N ASP B 53 -23.20 28.35 -2.91
CA ASP B 53 -23.11 28.11 -4.35
C ASP B 53 -22.31 26.84 -4.69
N GLY B 54 -22.21 25.91 -3.74
CA GLY B 54 -21.86 24.55 -4.08
C GLY B 54 -20.38 24.20 -4.11
N GLU B 55 -19.54 24.92 -3.38
CA GLU B 55 -18.12 24.63 -3.32
C GLU B 55 -17.82 23.89 -2.01
N LEU B 56 -17.20 22.72 -2.11
CA LEU B 56 -16.84 21.95 -0.93
C LEU B 56 -15.51 22.44 -0.36
N MET B 57 -15.40 22.44 0.97
CA MET B 57 -14.22 22.96 1.64
C MET B 57 -13.72 21.95 2.66
N GLY B 58 -12.49 22.16 3.11
CA GLY B 58 -11.93 21.31 4.16
C GLY B 58 -11.74 19.89 3.67
N THR B 59 -12.27 18.94 4.43
CA THR B 59 -12.21 17.52 4.08
C THR B 59 -13.58 16.99 3.69
N THR B 60 -14.48 17.87 3.25
CA THR B 60 -15.87 17.51 3.02
C THR B 60 -16.02 16.76 1.69
N GLN B 61 -16.79 15.68 1.72
CA GLN B 61 -17.09 14.89 0.54
C GLN B 61 -18.56 14.51 0.58
N LEU B 62 -19.02 13.83 -0.47
CA LEU B 62 -20.45 13.64 -0.68
C LEU B 62 -21.04 12.41 0.00
N LEU B 63 -20.28 11.33 0.13
CA LEU B 63 -20.84 10.08 0.66
C LEU B 63 -21.13 10.20 2.15
N PRO B 64 -22.38 10.02 2.59
CA PRO B 64 -22.68 10.14 4.03
C PRO B 64 -21.98 9.10 4.89
N SER B 65 -21.74 7.90 4.36
CA SER B 65 -21.16 6.83 5.16
C SER B 65 -19.65 6.97 5.35
N GLN B 66 -18.99 7.83 4.56
CA GLN B 66 -17.53 7.91 4.59
C GLN B 66 -17.00 9.00 5.51
N ILE B 67 -17.86 9.69 6.25
CA ILE B 67 -17.40 10.69 7.19
C ILE B 67 -16.85 9.96 8.42
N CYS B 68 -15.55 10.14 8.68
CA CYS B 68 -14.77 9.48 9.73
C CYS B 68 -14.48 8.03 9.42
N ALA B 69 -14.73 7.59 8.19
CA ALA B 69 -14.32 6.28 7.71
C ALA B 69 -12.96 6.40 7.03
N PHE B 70 -12.34 5.24 6.79
CA PHE B 70 -11.15 5.20 5.95
C PHE B 70 -11.05 3.82 5.30
N ARG B 71 -10.15 3.74 4.33
CA ARG B 71 -9.75 2.47 3.74
C ARG B 71 -8.25 2.51 3.53
N GLY B 72 -7.63 1.34 3.56
CA GLY B 72 -6.20 1.27 3.31
C GLY B 72 -5.66 -0.12 3.54
N THR B 73 -4.36 -0.19 3.80
CA THR B 73 -3.67 -1.43 4.05
C THR B 73 -3.19 -1.44 5.49
N LEU B 74 -3.50 -2.52 6.21
CA LEU B 74 -3.15 -2.64 7.61
C LEU B 74 -1.74 -3.21 7.77
N THR B 75 -1.05 -2.74 8.81
CA THR B 75 0.33 -3.10 9.12
C THR B 75 0.44 -3.19 10.65
N ARG B 76 1.29 -4.10 11.12
CA ARG B 76 1.57 -4.16 12.55
C ARG B 76 2.48 -3.00 12.96
N SER B 77 2.25 -2.48 14.16
CA SER B 77 3.01 -1.34 14.67
C SER B 77 4.41 -1.76 15.11
N THR B 78 5.32 -0.79 15.10
CA THR B 78 6.71 -1.03 15.51
C THR B 78 6.89 -0.81 17.01
N LEU B 92 -9.39 -4.45 27.38
CA LEU B 92 -8.40 -3.48 26.93
C LEU B 92 -8.23 -3.51 25.42
N PHE B 93 -8.15 -2.33 24.82
CA PHE B 93 -7.82 -2.21 23.39
C PHE B 93 -6.30 -2.07 23.30
N ASN B 94 -5.61 -3.21 23.35
CA ASN B 94 -4.17 -3.24 23.56
C ASN B 94 -3.36 -3.71 22.36
N TYR B 95 -3.99 -3.97 21.22
CA TYR B 95 -3.27 -4.28 19.99
C TYR B 95 -3.26 -3.02 19.11
N TYR B 96 -2.08 -2.67 18.60
CA TYR B 96 -1.89 -1.47 17.81
C TYR B 96 -1.55 -1.85 16.38
N TRP B 97 -2.15 -1.16 15.42
CA TRP B 97 -1.91 -1.46 14.02
C TRP B 97 -1.72 -0.16 13.24
N HIS B 98 -0.85 -0.22 12.24
CA HIS B 98 -0.59 0.88 11.34
C HIS B 98 -1.46 0.75 10.09
N ILE B 99 -1.99 1.88 9.63
CA ILE B 99 -2.86 1.92 8.46
C ILE B 99 -2.25 2.85 7.43
N GLN B 100 -1.92 2.30 6.27
CA GLN B 100 -1.49 3.11 5.12
C GLN B 100 -2.75 3.51 4.35
N LEU B 101 -3.07 4.80 4.37
CA LEU B 101 -4.37 5.27 3.92
C LEU B 101 -4.42 5.45 2.41
N ASP B 102 -5.50 4.95 1.79
CA ASP B 102 -5.83 5.25 0.41
C ASP B 102 -6.96 6.27 0.37
N ASN B 103 -7.20 6.82 -0.83
CA ASN B 103 -8.38 7.64 -1.03
C ASN B 103 -9.63 6.76 -0.93
N LEU B 104 -10.74 7.39 -0.58
CA LEU B 104 -11.99 6.65 -0.34
C LEU B 104 -12.47 5.88 -1.56
N ASN B 105 -11.90 6.13 -2.74
CA ASN B 105 -12.24 5.40 -3.94
C ASN B 105 -11.19 4.38 -4.34
N GLY B 106 -10.26 4.05 -3.43
CA GLY B 106 -9.17 3.15 -3.74
C GLY B 106 -7.96 3.79 -4.40
N THR B 107 -8.08 5.03 -4.88
CA THR B 107 -6.94 5.76 -5.40
C THR B 107 -5.91 5.97 -4.28
N PRO B 108 -4.61 5.87 -4.58
CA PRO B 108 -3.61 6.21 -3.57
C PRO B 108 -3.75 7.66 -3.12
N TYR B 109 -3.59 7.88 -1.82
CA TYR B 109 -3.78 9.22 -1.25
C TYR B 109 -2.58 10.10 -1.59
N ASP B 110 -2.86 11.30 -2.09
CA ASP B 110 -1.82 12.24 -2.46
C ASP B 110 -1.74 13.33 -1.40
N PRO B 111 -0.71 13.34 -0.54
CA PRO B 111 -0.55 14.44 0.42
C PRO B 111 -0.39 15.81 -0.22
N ALA B 112 0.02 15.87 -1.49
CA ALA B 112 0.21 17.17 -2.14
C ALA B 112 -1.10 17.86 -2.50
N GLU B 113 -2.24 17.16 -2.43
CA GLU B 113 -3.52 17.78 -2.72
C GLU B 113 -3.84 18.85 -1.68
N ASP B 114 -4.47 19.94 -2.14
CA ASP B 114 -4.70 21.11 -1.29
C ASP B 114 -5.91 20.91 -0.37
N ILE B 115 -5.86 19.82 0.40
CA ILE B 115 -6.87 19.53 1.40
C ILE B 115 -6.16 19.28 2.72
N PRO B 116 -6.80 19.50 3.87
CA PRO B 116 -6.10 19.31 5.15
C PRO B 116 -5.67 17.88 5.42
N ALA B 117 -6.37 16.90 4.86
CA ALA B 117 -6.23 15.48 5.15
C ALA B 117 -7.13 14.74 4.16
N PRO B 118 -7.04 13.41 4.04
CA PRO B 118 -7.97 12.70 3.16
C PRO B 118 -9.41 13.07 3.47
N LEU B 119 -10.22 13.17 2.42
CA LEU B 119 -11.63 13.53 2.59
C LEU B 119 -12.29 12.55 3.56
N GLY B 120 -13.11 13.09 4.46
CA GLY B 120 -13.77 12.29 5.46
C GLY B 120 -12.99 12.10 6.76
N THR B 121 -11.73 12.54 6.82
CA THR B 121 -10.94 12.40 8.03
C THR B 121 -11.65 13.07 9.20
N PRO B 122 -11.68 12.45 10.39
CA PRO B 122 -12.33 13.09 11.54
C PRO B 122 -11.77 14.49 11.81
N ASP B 123 -12.66 15.39 12.22
CA ASP B 123 -12.35 16.81 12.38
C ASP B 123 -12.43 17.23 13.86
N PHE B 124 -12.23 16.30 14.77
CA PHE B 124 -12.33 16.60 16.20
C PHE B 124 -11.31 15.75 16.95
N ARG B 125 -11.01 16.16 18.18
CA ARG B 125 -10.11 15.41 19.05
C ARG B 125 -10.91 14.41 19.87
N GLY B 126 -10.40 13.18 19.96
CA GLY B 126 -11.05 12.14 20.71
C GLY B 126 -10.70 10.79 20.13
N LYS B 127 -11.51 9.79 20.48
CA LYS B 127 -11.34 8.43 19.97
C LYS B 127 -12.60 8.05 19.22
N VAL B 128 -12.46 7.81 17.91
CA VAL B 128 -13.57 7.31 17.12
C VAL B 128 -13.66 5.80 17.32
N PHE B 129 -14.82 5.34 17.75
CA PHE B 129 -15.10 3.93 17.94
C PHE B 129 -15.81 3.39 16.71
N GLY B 130 -15.38 2.22 16.24
CA GLY B 130 -15.98 1.63 15.06
C GLY B 130 -15.55 0.19 14.89
N VAL B 131 -15.61 -0.29 13.65
CA VAL B 131 -15.24 -1.66 13.29
C VAL B 131 -14.29 -1.61 12.12
N ALA B 132 -13.16 -2.30 12.26
CA ALA B 132 -12.21 -2.48 11.17
C ALA B 132 -12.41 -3.86 10.55
N SER B 133 -12.50 -3.91 9.22
CA SER B 133 -12.75 -5.15 8.51
C SER B 133 -11.71 -5.35 7.41
N GLN B 134 -11.52 -6.62 7.03
CA GLN B 134 -10.54 -7.00 6.02
C GLN B 134 -11.14 -8.06 5.12
N ARG B 135 -10.81 -7.99 3.83
CA ARG B 135 -11.11 -9.05 2.87
C ARG B 135 -9.84 -9.34 2.07
N ASN B 136 -9.37 -10.57 2.15
CA ASN B 136 -8.12 -11.00 1.50
C ASN B 136 -8.39 -11.48 0.09
N PRO B 137 -7.37 -11.46 -0.78
CA PRO B 137 -7.57 -11.96 -2.15
C PRO B 137 -8.02 -13.41 -2.20
N ASP B 138 -7.70 -14.22 -1.19
CA ASP B 138 -8.22 -15.58 -1.14
C ASP B 138 -9.64 -15.63 -0.62
N SER B 139 -10.28 -14.48 -0.43
CA SER B 139 -11.68 -14.24 -0.05
C SER B 139 -11.90 -14.39 1.45
N THR B 140 -10.88 -14.69 2.25
CA THR B 140 -11.07 -14.75 3.69
C THR B 140 -11.30 -13.36 4.26
N THR B 141 -12.12 -13.29 5.30
CA THR B 141 -12.58 -12.02 5.86
C THR B 141 -12.48 -12.03 7.38
N ARG B 142 -12.41 -10.82 7.95
CA ARG B 142 -12.35 -10.58 9.39
C ARG B 142 -12.93 -9.20 9.66
N ALA B 143 -13.58 -9.06 10.82
CA ALA B 143 -14.00 -7.74 11.28
C ALA B 143 -14.11 -7.75 12.80
N HIS B 144 -13.58 -6.70 13.43
CA HIS B 144 -13.57 -6.57 14.88
C HIS B 144 -13.57 -5.10 15.26
N GLU B 145 -14.00 -4.83 16.49
CA GLU B 145 -14.03 -3.46 17.00
C GLU B 145 -12.64 -2.83 16.93
N ALA B 146 -12.63 -1.51 16.74
CA ALA B 146 -11.37 -0.77 16.62
C ALA B 146 -11.63 0.67 16.98
N LYS B 147 -10.56 1.36 17.39
CA LYS B 147 -10.62 2.76 17.76
C LYS B 147 -9.56 3.55 17.01
N VAL B 148 -9.91 4.76 16.60
CA VAL B 148 -8.99 5.70 15.98
C VAL B 148 -8.81 6.86 16.95
N ASP B 149 -7.63 6.94 17.57
CA ASP B 149 -7.30 8.05 18.46
C ASP B 149 -6.77 9.19 17.61
N THR B 150 -7.58 10.23 17.42
CA THR B 150 -7.20 11.37 16.59
C THR B 150 -6.19 12.30 17.27
N THR B 151 -5.84 12.04 18.53
CA THR B 151 -4.84 12.82 19.24
C THR B 151 -3.50 12.11 19.35
N SER B 152 -3.43 10.85 18.93
CA SER B 152 -2.17 10.13 18.99
C SER B 152 -1.15 10.74 18.05
N GLY B 153 0.12 10.72 18.48
CA GLY B 153 1.20 11.19 17.65
C GLY B 153 1.36 10.42 16.35
N ARG B 154 0.73 9.25 16.24
CA ARG B 154 0.73 8.47 15.01
C ARG B 154 -0.53 8.68 14.18
N PHE B 155 -1.39 9.61 14.59
CA PHE B 155 -2.51 10.07 13.77
C PHE B 155 -1.98 11.14 12.82
N THR B 156 -1.46 10.70 11.67
CA THR B 156 -0.91 11.61 10.67
C THR B 156 -1.55 11.36 9.31
N PRO B 157 -2.87 11.47 9.21
CA PRO B 157 -3.52 11.14 7.92
C PRO B 157 -3.06 12.01 6.77
N LYS B 158 -2.76 13.29 7.03
CA LYS B 158 -2.24 14.16 5.98
C LYS B 158 -0.95 13.63 5.39
N LEU B 159 -0.14 12.93 6.20
CA LEU B 159 1.06 12.27 5.71
C LEU B 159 0.77 10.87 5.18
N GLY B 160 -0.48 10.41 5.26
CA GLY B 160 -0.89 9.19 4.63
C GLY B 160 -1.02 7.97 5.52
N SER B 161 -1.04 8.14 6.84
CA SER B 161 -1.14 6.98 7.72
C SER B 161 -1.72 7.37 9.06
N LEU B 162 -2.26 6.37 9.76
CA LEU B 162 -2.77 6.55 11.10
C LEU B 162 -2.66 5.22 11.83
N GLU B 163 -3.04 5.23 13.10
CA GLU B 163 -2.95 4.06 13.97
C GLU B 163 -4.32 3.73 14.52
N ILE B 164 -4.68 2.45 14.46
CA ILE B 164 -5.88 1.97 15.11
C ILE B 164 -5.49 1.07 16.26
N THR B 165 -6.40 0.93 17.21
CA THR B 165 -6.24 0.05 18.34
C THR B 165 -7.41 -0.92 18.37
N THR B 166 -7.14 -2.18 18.70
CA THR B 166 -8.16 -3.22 18.71
C THR B 166 -8.05 -4.05 19.98
N GLU B 167 -9.16 -4.68 20.36
CA GLU B 167 -9.18 -5.67 21.42
C GLU B 167 -8.79 -7.05 20.91
N SER B 168 -9.10 -7.36 19.65
CA SER B 168 -8.84 -8.64 19.05
C SER B 168 -7.51 -8.62 18.29
N ASP B 169 -6.85 -9.78 18.28
CA ASP B 169 -5.61 -9.93 17.54
C ASP B 169 -5.83 -10.55 16.16
N ASP B 170 -7.08 -10.74 15.77
CA ASP B 170 -7.42 -11.42 14.52
C ASP B 170 -7.45 -10.42 13.36
N PHE B 171 -6.26 -9.99 12.98
CA PHE B 171 -6.07 -9.11 11.83
C PHE B 171 -4.83 -9.57 11.07
N ASP B 172 -4.92 -9.54 9.73
CA ASP B 172 -3.84 -9.99 8.86
C ASP B 172 -3.10 -8.78 8.31
N PRO B 173 -1.77 -8.73 8.45
CA PRO B 173 -1.03 -7.58 7.93
C PRO B 173 -0.99 -7.58 6.41
N ASN B 174 -0.84 -6.39 5.84
CA ASN B 174 -0.72 -6.22 4.39
C ASN B 174 -1.97 -6.73 3.67
N GLN B 175 -3.14 -6.45 4.24
CA GLN B 175 -4.40 -6.81 3.61
C GLN B 175 -5.33 -5.61 3.56
N PRO B 176 -6.20 -5.53 2.55
CA PRO B 176 -7.08 -4.36 2.41
C PRO B 176 -8.02 -4.27 3.60
N THR B 177 -8.07 -3.08 4.20
CA THR B 177 -8.78 -2.86 5.46
C THR B 177 -9.66 -1.62 5.35
N LYS B 178 -10.90 -1.74 5.82
CA LYS B 178 -11.83 -0.63 5.91
C LYS B 178 -12.19 -0.38 7.37
N PHE B 179 -12.56 0.86 7.66
CA PHE B 179 -13.03 1.24 9.00
C PHE B 179 -14.42 1.83 8.89
N THR B 180 -15.38 1.24 9.60
CA THR B 180 -16.74 1.75 9.66
C THR B 180 -16.94 2.49 10.98
N PRO B 181 -17.24 3.79 10.96
CA PRO B 181 -17.42 4.52 12.22
C PRO B 181 -18.78 4.27 12.85
N VAL B 182 -18.80 4.17 14.18
CA VAL B 182 -20.01 3.89 14.96
C VAL B 182 -20.28 5.00 15.96
N GLY B 183 -19.28 5.38 16.75
CA GLY B 183 -19.47 6.43 17.73
C GLY B 183 -18.17 6.86 18.36
N VAL B 184 -18.27 7.39 19.56
CA VAL B 184 -17.09 7.78 20.32
C VAL B 184 -16.69 6.64 21.24
N GLY B 185 -15.38 6.51 21.48
CA GLY B 185 -14.88 5.49 22.38
C GLY B 185 -13.84 5.99 23.34
N VAL B 186 -14.02 7.19 23.87
CA VAL B 186 -13.08 7.75 24.83
C VAL B 186 -13.35 7.14 26.21
N ASP B 187 -12.31 7.05 27.03
CA ASP B 187 -12.52 6.57 28.39
C ASP B 187 -13.05 7.69 29.27
N ASN B 188 -12.35 8.81 29.32
CA ASN B 188 -12.81 9.99 30.04
C ASN B 188 -13.54 10.92 29.07
N GLU B 189 -14.63 11.50 29.55
CA GLU B 189 -15.52 12.26 28.68
C GLU B 189 -14.86 13.50 28.10
N ALA B 190 -13.88 14.07 28.80
CA ALA B 190 -13.21 15.29 28.36
C ALA B 190 -12.22 15.05 27.22
N GLU B 191 -11.92 13.81 26.87
CA GLU B 191 -11.06 13.57 25.72
C GLU B 191 -11.75 13.85 24.40
N PHE B 192 -13.08 13.94 24.40
CA PHE B 192 -13.85 14.25 23.21
C PHE B 192 -14.09 15.76 23.17
N GLN B 193 -13.42 16.43 22.23
CA GLN B 193 -13.52 17.89 22.07
C GLN B 193 -13.92 18.15 20.62
N GLN B 194 -15.22 18.33 20.38
CA GLN B 194 -15.71 18.43 19.02
C GLN B 194 -15.23 19.70 18.31
N TRP B 195 -14.84 20.73 19.05
CA TRP B 195 -14.40 21.97 18.45
C TRP B 195 -12.88 22.14 18.44
N SER B 196 -12.13 21.10 18.81
CA SER B 196 -10.68 21.10 18.70
C SER B 196 -10.28 20.25 17.50
N LEU B 197 -9.60 20.86 16.55
CA LEU B 197 -9.13 20.13 15.38
C LEU B 197 -7.96 19.22 15.76
N PRO B 198 -7.84 18.05 15.17
CA PRO B 198 -6.63 17.25 15.33
C PRO B 198 -5.47 17.88 14.56
N ASN B 199 -4.28 17.37 14.83
CA ASN B 199 -3.09 17.70 14.05
C ASN B 199 -2.98 16.67 12.92
N TYR B 200 -3.35 17.08 11.71
CA TYR B 200 -3.48 16.12 10.61
C TYR B 200 -2.14 15.52 10.19
N SER B 201 -1.03 16.19 10.51
CA SER B 201 0.30 15.64 10.28
C SER B 201 1.00 15.28 11.59
N GLY B 202 0.24 15.09 12.67
CA GLY B 202 0.87 14.91 13.96
C GLY B 202 1.64 16.16 14.35
N GLN B 203 2.80 15.96 14.97
CA GLN B 203 3.63 17.07 15.43
C GLN B 203 4.60 17.56 14.36
N PHE B 204 4.55 17.02 13.14
CA PHE B 204 5.60 17.25 12.16
C PHE B 204 5.40 18.50 11.32
N THR B 205 4.16 18.93 11.09
CA THR B 205 3.93 20.20 10.41
C THR B 205 2.51 20.67 10.73
N HIS B 206 2.21 21.90 10.30
CA HIS B 206 0.98 22.57 10.66
C HIS B 206 -0.19 22.12 9.79
N ASN B 207 -1.40 22.31 10.31
CA ASN B 207 -2.60 22.06 9.53
C ASN B 207 -2.68 23.03 8.34
N MET B 208 -3.07 22.50 7.19
CA MET B 208 -3.06 23.24 5.94
C MET B 208 -4.41 23.18 5.26
N ASN B 209 -4.73 24.22 4.48
CA ASN B 209 -5.92 24.26 3.64
C ASN B 209 -7.22 24.12 4.43
N LEU B 210 -7.24 24.64 5.65
CA LEU B 210 -8.43 24.54 6.48
C LEU B 210 -9.58 25.35 5.91
N ALA B 211 -10.78 24.79 5.97
CA ALA B 211 -11.97 25.60 5.74
C ALA B 211 -12.02 26.70 6.80
N PRO B 212 -12.46 27.91 6.45
CA PRO B 212 -12.37 29.02 7.39
C PRO B 212 -13.26 28.82 8.62
N ALA B 213 -12.87 29.49 9.71
CA ALA B 213 -13.68 29.50 10.91
C ALA B 213 -14.93 30.34 10.72
N VAL B 214 -15.96 30.02 11.48
CA VAL B 214 -17.23 30.72 11.36
C VAL B 214 -17.62 31.32 12.71
N ALA B 215 -18.37 32.41 12.65
CA ALA B 215 -18.85 33.09 13.85
C ALA B 215 -19.95 34.06 13.45
N PRO B 216 -20.91 34.34 14.34
CA PRO B 216 -21.87 35.41 14.06
C PRO B 216 -21.18 36.75 14.23
N ASN B 217 -21.19 37.55 13.17
CA ASN B 217 -20.66 38.91 13.22
C ASN B 217 -21.78 39.93 13.26
N PHE B 218 -22.79 39.66 14.09
CA PHE B 218 -23.97 40.48 14.23
C PHE B 218 -24.41 40.47 15.69
N PRO B 219 -24.83 41.60 16.23
CA PRO B 219 -25.17 41.65 17.66
C PRO B 219 -26.41 40.83 17.97
N GLY B 220 -26.33 40.07 19.06
CA GLY B 220 -27.46 39.27 19.50
C GLY B 220 -27.66 37.98 18.74
N GLU B 221 -26.73 37.61 17.87
CA GLU B 221 -26.87 36.41 17.06
C GLU B 221 -25.93 35.32 17.56
N GLN B 222 -26.38 34.08 17.51
CA GLN B 222 -25.56 32.92 17.84
C GLN B 222 -25.68 31.89 16.73
N LEU B 223 -24.68 31.02 16.64
CA LEU B 223 -24.73 29.93 15.68
C LEU B 223 -25.91 29.00 15.97
N LEU B 224 -26.50 28.46 14.92
CA LEU B 224 -27.50 27.41 15.00
C LEU B 224 -26.88 26.12 14.49
N PHE B 225 -27.04 25.03 15.24
CA PHE B 225 -26.39 23.78 14.93
C PHE B 225 -27.40 22.68 14.65
N PHE B 226 -27.02 21.77 13.76
CA PHE B 226 -27.71 20.50 13.58
C PHE B 226 -26.96 19.46 14.41
N ARG B 227 -27.59 19.02 15.50
CA ARG B 227 -26.92 18.30 16.57
C ARG B 227 -27.30 16.83 16.57
N SER B 228 -26.30 15.98 16.76
CA SER B 228 -26.50 14.55 16.96
C SER B 228 -25.80 14.13 18.25
N GLN B 229 -26.33 13.07 18.86
CA GLN B 229 -25.69 12.39 19.99
C GLN B 229 -25.16 11.06 19.48
N LEU B 230 -23.84 10.99 19.28
CA LEU B 230 -23.25 9.78 18.77
C LEU B 230 -23.33 8.67 19.81
N PRO B 231 -23.42 7.42 19.37
CA PRO B 231 -23.23 6.30 20.29
C PRO B 231 -21.88 6.40 21.00
N SER B 232 -21.80 5.75 22.14
CA SER B 232 -20.56 5.72 22.92
C SER B 232 -20.34 4.30 23.40
N SER B 233 -19.08 3.85 23.33
CA SER B 233 -18.76 2.49 23.72
C SER B 233 -18.57 2.32 25.23
N GLY B 234 -18.57 3.42 25.99
CA GLY B 234 -18.42 3.32 27.43
C GLY B 234 -18.29 4.70 28.02
N GLY B 235 -18.42 4.76 29.34
CA GLY B 235 -18.31 6.02 30.04
C GLY B 235 -19.60 6.82 29.99
N ARG B 236 -19.49 8.11 30.29
CA ARG B 236 -20.64 9.00 30.37
C ARG B 236 -20.64 10.07 29.28
N SER B 237 -19.85 9.89 28.23
CA SER B 237 -19.78 10.87 27.14
C SER B 237 -21.17 11.11 26.55
N ASN B 238 -21.53 12.39 26.40
CA ASN B 238 -22.82 12.70 25.79
C ASN B 238 -22.82 12.50 24.28
N GLY B 239 -21.65 12.33 23.67
CA GLY B 239 -21.58 12.12 22.23
C GLY B 239 -22.09 13.27 21.40
N VAL B 240 -22.16 14.47 21.97
CA VAL B 240 -22.74 15.61 21.28
C VAL B 240 -21.82 16.03 20.15
N LEU B 241 -22.35 16.07 18.93
CA LEU B 241 -21.60 16.50 17.75
C LEU B 241 -22.47 17.44 16.94
N ASP B 242 -22.03 18.69 16.83
CA ASP B 242 -22.76 19.74 16.13
C ASP B 242 -22.16 19.97 14.76
N CYS B 243 -22.99 19.94 13.72
CA CYS B 243 -22.55 20.29 12.38
C CYS B 243 -23.23 21.57 11.92
N LEU B 244 -22.51 22.34 11.09
CA LEU B 244 -23.02 23.62 10.61
C LEU B 244 -24.22 23.44 9.69
N VAL B 245 -24.23 22.35 8.93
CA VAL B 245 -25.20 22.14 7.85
C VAL B 245 -25.38 20.63 7.70
N PRO B 246 -26.59 20.13 7.49
CA PRO B 246 -26.76 18.67 7.32
C PRO B 246 -26.14 18.19 6.01
N GLN B 247 -25.80 16.90 5.97
CA GLN B 247 -25.13 16.35 4.80
C GLN B 247 -26.00 16.44 3.55
N GLU B 248 -27.34 16.40 3.71
CA GLU B 248 -28.22 16.54 2.56
C GLU B 248 -28.09 17.90 1.89
N TRP B 249 -27.78 18.94 2.66
CA TRP B 249 -27.55 20.25 2.05
C TRP B 249 -26.19 20.31 1.37
N VAL B 250 -25.18 19.68 1.96
CA VAL B 250 -23.88 19.54 1.29
C VAL B 250 -24.09 18.94 -0.10
N GLN B 251 -24.84 17.84 -0.17
CA GLN B 251 -25.09 17.17 -1.44
C GLN B 251 -25.96 18.03 -2.36
N HIS B 252 -26.94 18.74 -1.79
CA HIS B 252 -27.85 19.53 -2.61
C HIS B 252 -27.14 20.74 -3.22
N PHE B 253 -26.41 21.51 -2.39
CA PHE B 253 -25.77 22.71 -2.92
C PHE B 253 -24.72 22.34 -3.97
N TYR B 254 -24.03 21.21 -3.78
CA TYR B 254 -23.07 20.77 -4.78
C TYR B 254 -23.74 20.50 -6.11
N GLN B 255 -24.90 19.84 -6.07
CA GLN B 255 -25.66 19.57 -7.30
C GLN B 255 -26.17 20.85 -7.94
N GLU B 256 -26.78 21.74 -7.15
CA GLU B 256 -27.44 22.92 -7.71
C GLU B 256 -26.44 24.00 -8.10
N SER B 257 -25.52 24.33 -7.21
CA SER B 257 -24.52 25.38 -7.45
C SER B 257 -25.18 26.69 -7.88
N ALA B 258 -26.33 26.99 -7.29
CA ALA B 258 -27.03 28.22 -7.62
C ALA B 258 -26.20 29.43 -7.18
N PRO B 259 -26.12 30.48 -7.99
CA PRO B 259 -25.33 31.64 -7.61
C PRO B 259 -25.88 32.31 -6.36
N ALA B 260 -24.99 32.74 -5.48
CA ALA B 260 -25.36 33.39 -4.23
C ALA B 260 -25.47 34.88 -4.48
N GLN B 261 -26.70 35.41 -4.40
CA GLN B 261 -26.92 36.80 -4.75
C GLN B 261 -26.36 37.74 -3.69
N THR B 262 -26.41 37.35 -2.41
CA THR B 262 -25.80 38.11 -1.32
C THR B 262 -25.05 37.14 -0.42
N GLN B 263 -24.42 37.69 0.62
CA GLN B 263 -23.73 36.87 1.61
C GLN B 263 -24.68 36.16 2.57
N VAL B 264 -25.97 36.51 2.57
CA VAL B 264 -26.91 35.95 3.55
C VAL B 264 -28.20 35.57 2.84
N ALA B 265 -28.63 34.33 3.04
CA ALA B 265 -29.95 33.89 2.61
C ALA B 265 -30.86 33.83 3.84
N LEU B 266 -32.03 34.45 3.73
CA LEU B 266 -33.01 34.41 4.81
C LEU B 266 -33.85 33.14 4.71
N VAL B 267 -33.87 32.36 5.78
CA VAL B 267 -34.65 31.13 5.82
C VAL B 267 -35.61 31.22 6.99
N ARG B 268 -36.73 30.49 6.88
CA ARG B 268 -37.72 30.45 7.93
C ARG B 268 -38.11 29.01 8.19
N TYR B 269 -38.21 28.65 9.46
CA TYR B 269 -38.70 27.35 9.86
C TYR B 269 -40.22 27.43 10.00
N VAL B 270 -40.93 26.78 9.08
CA VAL B 270 -42.38 26.88 8.99
C VAL B 270 -43.00 25.54 9.38
N ASN B 271 -44.21 25.63 9.94
CA ASN B 271 -45.00 24.45 10.26
C ASN B 271 -46.05 24.25 9.18
N PRO B 272 -45.97 23.18 8.37
CA PRO B 272 -46.96 23.01 7.30
C PRO B 272 -48.36 22.74 7.81
N ASP B 273 -48.52 22.21 9.03
CA ASP B 273 -49.84 22.01 9.60
C ASP B 273 -50.50 23.35 9.93
N THR B 274 -49.88 24.11 10.84
CA THR B 274 -50.43 25.42 11.21
C THR B 274 -50.27 26.44 10.09
N GLY B 275 -49.26 26.28 9.24
CA GLY B 275 -48.95 27.29 8.26
C GLY B 275 -48.12 28.44 8.76
N ARG B 276 -47.84 28.48 10.06
CA ARG B 276 -47.17 29.60 10.69
C ARG B 276 -45.65 29.44 10.67
N VAL B 277 -44.96 30.57 10.74
CA VAL B 277 -43.51 30.60 10.82
C VAL B 277 -43.12 30.51 12.29
N LEU B 278 -42.31 29.52 12.62
CA LEU B 278 -41.86 29.35 14.01
C LEU B 278 -40.75 30.34 14.35
N PHE B 279 -39.74 30.44 13.50
CA PHE B 279 -38.66 31.41 13.67
C PHE B 279 -38.00 31.63 12.32
N GLU B 280 -37.11 32.62 12.28
CA GLU B 280 -36.33 32.91 11.10
C GLU B 280 -34.84 32.84 11.44
N ALA B 281 -34.02 32.64 10.41
CA ALA B 281 -32.60 32.48 10.59
C ALA B 281 -31.87 32.95 9.35
N LYS B 282 -30.56 33.15 9.49
CA LYS B 282 -29.69 33.52 8.39
C LYS B 282 -28.87 32.32 7.96
N LEU B 283 -28.92 31.99 6.68
CA LEU B 283 -28.05 30.99 6.08
C LEU B 283 -26.94 31.74 5.35
N HIS B 284 -25.72 31.67 5.88
CA HIS B 284 -24.62 32.45 5.35
C HIS B 284 -23.95 31.75 4.18
N LYS B 285 -23.36 32.55 3.30
CA LYS B 285 -22.78 32.00 2.07
C LYS B 285 -21.73 30.94 2.38
N LEU B 286 -20.95 31.14 3.44
CA LEU B 286 -19.94 30.16 3.81
C LEU B 286 -20.52 28.85 4.31
N GLY B 287 -21.84 28.77 4.50
CA GLY B 287 -22.46 27.52 4.88
C GLY B 287 -22.58 27.32 6.38
N PHE B 288 -23.27 28.23 7.06
CA PHE B 288 -23.61 28.06 8.46
C PHE B 288 -24.82 28.95 8.73
N MET B 289 -25.39 28.80 9.92
CA MET B 289 -26.62 29.48 10.26
C MET B 289 -26.49 30.22 11.58
N THR B 290 -27.19 31.35 11.67
CA THR B 290 -27.29 32.12 12.90
C THR B 290 -28.75 32.45 13.17
N ILE B 291 -29.04 32.70 14.44
CA ILE B 291 -30.37 33.08 14.89
C ILE B 291 -30.22 34.20 15.92
N ALA B 292 -31.29 34.96 16.11
CA ALA B 292 -31.33 35.99 17.14
C ALA B 292 -31.76 35.33 18.44
N LYS B 293 -30.78 34.98 19.28
CA LYS B 293 -31.01 34.20 20.47
C LYS B 293 -29.78 34.29 21.36
N ASN B 294 -29.96 34.04 22.65
CA ASN B 294 -28.86 34.07 23.60
C ASN B 294 -29.04 32.94 24.60
N GLY B 295 -27.93 32.29 24.94
CA GLY B 295 -27.92 31.20 25.89
C GLY B 295 -27.92 29.84 25.22
N ASP B 296 -27.39 28.85 25.93
CA ASP B 296 -27.35 27.49 25.42
C ASP B 296 -28.74 26.88 25.54
N SER B 297 -29.34 26.52 24.40
CA SER B 297 -30.71 26.04 24.43
C SER B 297 -31.01 25.19 23.21
N PRO B 298 -31.76 24.11 23.36
CA PRO B 298 -32.29 23.42 22.18
C PRO B 298 -33.42 24.22 21.56
N ILE B 299 -33.64 23.97 20.26
CA ILE B 299 -34.71 24.62 19.52
C ILE B 299 -35.72 23.53 19.19
N THR B 300 -36.84 23.51 19.93
CA THR B 300 -37.86 22.51 19.72
C THR B 300 -38.65 22.82 18.45
N VAL B 301 -38.82 21.81 17.60
CA VAL B 301 -39.49 21.99 16.31
C VAL B 301 -40.61 20.97 16.18
N PRO B 302 -41.67 21.27 15.44
CA PRO B 302 -42.70 20.25 15.20
C PRO B 302 -42.18 19.16 14.27
N PRO B 303 -42.73 17.95 14.34
CA PRO B 303 -42.19 16.86 13.52
C PRO B 303 -42.29 17.12 12.03
N ASN B 304 -43.29 17.87 11.57
CA ASN B 304 -43.47 18.13 10.15
C ASN B 304 -42.85 19.45 9.70
N GLY B 305 -42.24 20.21 10.61
CA GLY B 305 -41.64 21.47 10.23
C GLY B 305 -40.41 21.29 9.37
N TYR B 306 -40.05 22.37 8.67
CA TYR B 306 -38.90 22.35 7.79
C TYR B 306 -38.44 23.78 7.55
N PHE B 307 -37.21 23.90 7.03
CA PHE B 307 -36.67 25.20 6.65
C PHE B 307 -37.12 25.56 5.25
N ARG B 308 -37.46 26.83 5.05
CA ARG B 308 -37.88 27.35 3.76
C ARG B 308 -37.07 28.59 3.41
N PHE B 309 -36.47 28.58 2.22
CA PHE B 309 -35.75 29.74 1.73
C PHE B 309 -36.72 30.86 1.42
N GLU B 310 -36.53 32.01 2.05
CA GLU B 310 -37.43 33.16 1.84
C GLU B 310 -36.88 34.10 0.78
N SER B 311 -35.66 34.59 0.95
CA SER B 311 -35.09 35.58 0.05
C SER B 311 -33.63 35.80 0.45
N TRP B 312 -32.83 36.21 -0.53
CA TRP B 312 -31.54 36.80 -0.22
C TRP B 312 -31.76 38.14 0.45
N VAL B 313 -30.94 38.46 1.46
CA VAL B 313 -31.05 39.70 2.20
C VAL B 313 -29.65 40.29 2.38
N ASN B 314 -29.63 41.57 2.70
CA ASN B 314 -28.37 42.21 3.07
C ASN B 314 -27.92 41.70 4.44
N PRO B 315 -26.62 41.60 4.67
CA PRO B 315 -26.14 41.06 5.95
C PRO B 315 -26.58 41.86 7.17
N PHE B 316 -27.02 43.11 7.00
CA PHE B 316 -27.48 43.90 8.14
C PHE B 316 -28.95 43.68 8.46
N TYR B 317 -29.62 42.75 7.77
CA TYR B 317 -30.98 42.37 8.14
C TYR B 317 -31.01 41.91 9.60
N THR B 318 -32.04 42.32 10.31
CA THR B 318 -32.15 42.04 11.74
C THR B 318 -33.19 40.93 11.95
N LEU B 319 -32.75 39.80 12.48
CA LEU B 319 -33.64 38.68 12.72
C LEU B 319 -34.58 38.98 13.89
N ALA B 320 -35.78 38.42 13.80
CA ALA B 320 -36.70 38.49 14.93
C ALA B 320 -36.20 37.59 16.05
N PRO B 321 -36.30 38.04 17.31
CA PRO B 321 -35.74 37.26 18.42
C PRO B 321 -36.38 35.87 18.53
N MET B 322 -35.66 34.99 19.20
CA MET B 322 -36.00 33.56 19.31
C MET B 322 -36.00 32.90 17.94
N THR C 8 43.19 -26.38 12.48
CA THR C 8 42.63 -26.01 13.78
C THR C 8 41.57 -24.91 13.65
N LYS C 9 41.50 -24.27 12.48
CA LYS C 9 40.51 -23.23 12.28
C LYS C 9 39.11 -23.83 12.21
N PRO C 10 38.21 -23.48 13.12
CA PRO C 10 36.86 -24.06 13.09
C PRO C 10 36.07 -23.58 11.88
N PHE C 11 35.20 -24.45 11.40
CA PHE C 11 34.26 -24.09 10.34
C PHE C 11 33.06 -23.37 10.95
N THR C 12 32.63 -22.30 10.30
CA THR C 12 31.48 -21.53 10.75
C THR C 12 30.61 -21.13 9.57
N LEU C 13 29.34 -20.89 9.87
CA LEU C 13 28.41 -20.24 8.96
C LEU C 13 28.16 -18.82 9.43
N PRO C 14 28.02 -17.86 8.52
CA PRO C 14 27.55 -16.54 8.95
C PRO C 14 26.13 -16.65 9.50
N ILE C 15 25.81 -15.76 10.43
CA ILE C 15 24.48 -15.74 11.03
C ILE C 15 23.61 -14.83 10.16
N LEU C 16 22.81 -15.45 9.29
CA LEU C 16 21.99 -14.71 8.35
C LEU C 16 20.57 -15.27 8.35
N THR C 17 19.61 -14.37 8.23
CA THR C 17 18.21 -14.68 8.02
C THR C 17 17.98 -15.02 6.53
N ILE C 18 16.89 -15.74 6.26
CA ILE C 18 16.49 -16.00 4.88
C ILE C 18 16.46 -14.70 4.07
N SER C 19 15.86 -13.65 4.64
CA SER C 19 15.74 -12.37 3.96
C SER C 19 17.03 -11.56 3.97
N GLU C 20 18.13 -12.13 4.44
CA GLU C 20 19.43 -11.48 4.42
C GLU C 20 20.44 -12.21 3.53
N MET C 21 19.95 -13.11 2.66
CA MET C 21 20.80 -13.89 1.79
C MET C 21 20.61 -13.50 0.34
N SER C 22 21.67 -13.63 -0.45
CA SER C 22 21.67 -13.28 -1.85
C SER C 22 21.82 -14.55 -2.69
N ASN C 23 21.10 -14.60 -3.80
CA ASN C 23 21.30 -15.68 -4.75
C ASN C 23 22.71 -15.64 -5.30
N SER C 24 23.34 -16.80 -5.40
CA SER C 24 24.70 -16.90 -5.92
C SER C 24 24.74 -17.19 -7.42
N ARG C 25 23.59 -17.20 -8.08
CA ARG C 25 23.53 -17.37 -9.52
C ARG C 25 22.95 -16.15 -10.22
N PHE C 26 22.56 -15.12 -9.47
CA PHE C 26 22.00 -13.89 -10.03
C PHE C 26 22.00 -12.82 -8.94
N PRO C 27 22.31 -11.56 -9.27
CA PRO C 27 22.38 -10.53 -8.22
C PRO C 27 21.01 -10.16 -7.67
N VAL C 28 20.34 -11.11 -7.01
CA VAL C 28 19.02 -10.90 -6.43
C VAL C 28 19.03 -11.47 -5.02
N PRO C 29 18.08 -11.05 -4.18
CA PRO C 29 17.93 -11.68 -2.87
C PRO C 29 17.24 -13.04 -2.96
N ILE C 30 17.51 -13.87 -1.96
CA ILE C 30 16.79 -15.13 -1.81
C ILE C 30 15.37 -14.83 -1.37
N ASP C 31 14.39 -15.48 -2.03
CA ASP C 31 13.00 -15.32 -1.65
C ASP C 31 12.48 -16.42 -0.75
N SER C 32 12.99 -17.65 -0.89
CA SER C 32 12.43 -18.78 -0.17
C SER C 32 13.44 -19.91 -0.16
N LEU C 33 13.14 -20.92 0.65
CA LEU C 33 13.81 -22.22 0.61
C LEU C 33 12.89 -23.22 -0.08
N HIS C 34 13.48 -24.10 -0.87
CA HIS C 34 12.70 -25.05 -1.66
C HIS C 34 13.43 -26.38 -1.74
N THR C 35 12.67 -27.45 -1.84
CA THR C 35 13.20 -28.79 -2.06
C THR C 35 12.40 -29.47 -3.16
N SER C 36 13.04 -30.43 -3.80
CA SER C 36 12.42 -31.12 -4.92
C SER C 36 13.21 -32.37 -5.28
N PRO C 37 12.55 -33.40 -5.83
CA PRO C 37 13.29 -34.49 -6.46
C PRO C 37 14.06 -33.94 -7.66
N THR C 38 15.28 -34.45 -7.86
CA THR C 38 16.16 -33.94 -8.91
C THR C 38 16.76 -35.05 -9.77
N GLU C 39 16.20 -36.25 -9.74
CA GLU C 39 16.76 -37.32 -10.57
C GLU C 39 16.54 -37.06 -12.06
N ASN C 40 15.52 -36.29 -12.41
CA ASN C 40 15.21 -35.99 -13.81
C ASN C 40 15.88 -34.71 -14.31
N ILE C 41 16.74 -34.09 -13.51
CA ILE C 41 17.52 -32.94 -13.94
C ILE C 41 18.98 -33.16 -13.56
N VAL C 42 19.87 -32.43 -14.22
CA VAL C 42 21.28 -32.42 -13.87
C VAL C 42 21.54 -31.14 -13.09
N VAL C 43 21.92 -31.29 -11.82
CA VAL C 43 22.22 -30.14 -10.96
C VAL C 43 23.71 -29.90 -11.06
N GLN C 44 24.10 -29.04 -12.01
CA GLN C 44 25.51 -28.76 -12.28
C GLN C 44 25.71 -27.29 -12.60
N CYS C 45 24.99 -26.41 -11.91
CA CYS C 45 25.23 -24.99 -12.10
C CYS C 45 26.70 -24.66 -11.85
N GLN C 46 27.15 -23.55 -12.42
CA GLN C 46 28.57 -23.21 -12.34
C GLN C 46 28.84 -21.95 -11.52
N ASN C 47 27.82 -21.12 -11.27
CA ASN C 47 27.94 -20.02 -10.34
C ASN C 47 27.49 -20.47 -8.96
N GLY C 48 28.01 -19.79 -7.94
CA GLY C 48 27.73 -20.20 -6.57
C GLY C 48 28.19 -21.61 -6.27
N ARG C 49 29.40 -21.96 -6.70
CA ARG C 49 30.01 -23.25 -6.46
C ARG C 49 31.25 -23.05 -5.61
N VAL C 50 31.20 -23.55 -4.37
CA VAL C 50 32.29 -23.39 -3.43
C VAL C 50 32.32 -24.61 -2.53
N THR C 51 33.51 -25.06 -2.18
CA THR C 51 33.64 -26.11 -1.18
C THR C 51 33.60 -25.50 0.21
N LEU C 52 33.29 -26.34 1.20
CA LEU C 52 33.22 -25.84 2.58
C LEU C 52 34.55 -25.29 3.07
N ASP C 53 35.68 -25.74 2.51
CA ASP C 53 36.97 -25.18 2.88
C ASP C 53 37.41 -24.04 1.96
N GLY C 54 36.48 -23.46 1.20
CA GLY C 54 36.70 -22.17 0.58
C GLY C 54 37.34 -22.16 -0.80
N GLU C 55 37.23 -23.25 -1.56
CA GLU C 55 37.72 -23.30 -2.93
C GLU C 55 36.58 -22.98 -3.90
N LEU C 56 36.79 -21.98 -4.75
CA LEU C 56 35.80 -21.62 -5.76
C LEU C 56 35.89 -22.57 -6.94
N MET C 57 34.73 -22.90 -7.52
CA MET C 57 34.66 -23.85 -8.63
C MET C 57 33.84 -23.23 -9.76
N GLY C 58 33.92 -23.86 -10.93
CA GLY C 58 33.14 -23.40 -12.08
C GLY C 58 33.52 -21.99 -12.51
N THR C 59 32.49 -21.13 -12.63
CA THR C 59 32.68 -19.73 -12.98
C THR C 59 32.46 -18.82 -11.79
N THR C 60 32.56 -19.36 -10.57
CA THR C 60 32.16 -18.63 -9.37
C THR C 60 33.21 -17.58 -9.00
N GLN C 61 32.76 -16.35 -8.75
CA GLN C 61 33.62 -15.28 -8.25
C GLN C 61 32.90 -14.59 -7.08
N LEU C 62 33.52 -13.53 -6.55
CA LEU C 62 33.11 -13.00 -5.25
C LEU C 62 32.08 -11.88 -5.34
N LEU C 63 32.12 -11.07 -6.38
CA LEU C 63 31.28 -9.87 -6.42
C LEU C 63 29.83 -10.24 -6.69
N PRO C 64 28.90 -9.91 -5.78
CA PRO C 64 27.50 -10.33 -5.98
C PRO C 64 26.85 -9.68 -7.19
N SER C 65 27.27 -8.47 -7.57
CA SER C 65 26.67 -7.78 -8.70
C SER C 65 27.16 -8.30 -10.04
N GLN C 66 28.21 -9.12 -10.07
CA GLN C 66 28.86 -9.50 -11.31
C GLN C 66 28.41 -10.88 -11.83
N ILE C 67 27.43 -11.50 -11.19
CA ILE C 67 26.93 -12.80 -11.66
C ILE C 67 25.99 -12.54 -12.83
N CYS C 68 26.28 -13.16 -13.98
CA CYS C 68 25.56 -12.91 -15.24
C CYS C 68 25.80 -11.51 -15.77
N ALA C 69 26.80 -10.81 -15.23
CA ALA C 69 27.25 -9.56 -15.83
C ALA C 69 28.44 -9.84 -16.74
N PHE C 70 28.72 -8.89 -17.64
CA PHE C 70 29.95 -8.97 -18.41
C PHE C 70 30.53 -7.58 -18.61
N ARG C 71 31.74 -7.58 -19.13
CA ARG C 71 32.52 -6.37 -19.37
C ARG C 71 33.34 -6.59 -20.62
N GLY C 72 33.36 -5.61 -21.51
CA GLY C 72 34.16 -5.76 -22.71
C GLY C 72 33.94 -4.64 -23.69
N THR C 73 34.17 -4.95 -24.97
CA THR C 73 34.06 -3.98 -26.05
C THR C 73 32.99 -4.44 -27.03
N LEU C 74 32.15 -3.49 -27.47
CA LEU C 74 31.04 -3.78 -28.36
C LEU C 74 31.40 -3.45 -29.81
N THR C 75 30.94 -4.28 -30.74
CA THR C 75 30.98 -4.00 -32.18
C THR C 75 29.65 -4.45 -32.78
N ARG C 76 29.43 -4.11 -34.05
CA ARG C 76 28.10 -4.26 -34.65
C ARG C 76 27.90 -5.65 -35.23
N SER C 77 26.67 -6.16 -35.11
CA SER C 77 26.23 -7.45 -35.64
C SER C 77 27.11 -8.62 -35.21
N LEU C 92 10.49 -5.32 -29.92
CA LEU C 92 11.25 -6.19 -30.83
C LEU C 92 12.74 -5.86 -30.76
N PHE C 93 13.52 -6.80 -30.22
CA PHE C 93 14.96 -6.62 -30.06
C PHE C 93 15.65 -7.02 -31.36
N ASN C 94 15.66 -6.08 -32.32
CA ASN C 94 16.12 -6.36 -33.67
C ASN C 94 17.60 -6.13 -33.88
N TYR C 95 18.26 -5.34 -33.03
CA TYR C 95 19.65 -4.97 -33.24
C TYR C 95 20.57 -5.95 -32.54
N TYR C 96 21.53 -6.49 -33.30
CA TYR C 96 22.50 -7.46 -32.82
C TYR C 96 23.87 -6.82 -32.69
N TRP C 97 24.59 -7.19 -31.63
CA TRP C 97 25.91 -6.61 -31.38
C TRP C 97 26.86 -7.70 -30.91
N HIS C 98 28.10 -7.61 -31.36
CA HIS C 98 29.15 -8.52 -30.94
C HIS C 98 29.90 -7.91 -29.75
N ILE C 99 30.10 -8.70 -28.70
CA ILE C 99 30.79 -8.27 -27.50
C ILE C 99 32.09 -9.05 -27.38
N GLN C 100 33.22 -8.34 -27.39
CA GLN C 100 34.51 -8.94 -27.08
C GLN C 100 34.73 -8.82 -25.57
N LEU C 101 34.80 -9.97 -24.90
CA LEU C 101 34.77 -10.03 -23.44
C LEU C 101 36.15 -9.82 -22.83
N ASP C 102 36.20 -9.06 -21.76
CA ASP C 102 37.35 -8.97 -20.87
C ASP C 102 37.04 -9.71 -19.58
N ASN C 103 38.01 -9.72 -18.67
CA ASN C 103 37.74 -10.20 -17.32
C ASN C 103 37.01 -9.12 -16.53
N LEU C 104 36.26 -9.56 -15.52
CA LEU C 104 35.46 -8.62 -14.74
C LEU C 104 36.31 -7.53 -14.11
N ASN C 105 37.58 -7.82 -13.84
CA ASN C 105 38.51 -6.82 -13.34
C ASN C 105 39.15 -5.99 -14.44
N GLY C 106 38.60 -6.02 -15.65
CA GLY C 106 39.13 -5.23 -16.75
C GLY C 106 40.32 -5.83 -17.46
N THR C 107 40.96 -6.85 -16.89
CA THR C 107 42.11 -7.47 -17.53
C THR C 107 41.65 -8.35 -18.71
N PRO C 108 42.51 -8.57 -19.71
CA PRO C 108 42.09 -9.30 -20.90
C PRO C 108 41.83 -10.77 -20.59
N TYR C 109 40.74 -11.30 -21.14
CA TYR C 109 40.31 -12.66 -20.84
C TYR C 109 41.14 -13.67 -21.62
N ASP C 110 41.61 -14.71 -20.92
CA ASP C 110 42.45 -15.71 -21.54
C ASP C 110 41.70 -17.04 -21.66
N PRO C 111 41.32 -17.45 -22.87
CA PRO C 111 40.58 -18.72 -23.03
C PRO C 111 41.37 -19.95 -22.64
N ALA C 112 42.67 -19.80 -22.34
CA ALA C 112 43.51 -20.95 -22.00
C ALA C 112 43.38 -21.35 -20.53
N GLU C 113 42.85 -20.48 -19.67
CA GLU C 113 42.77 -20.80 -18.26
C GLU C 113 41.76 -21.92 -18.01
N ASP C 114 41.93 -22.62 -16.88
CA ASP C 114 41.17 -23.82 -16.58
C ASP C 114 39.84 -23.47 -15.90
N ILE C 115 39.02 -22.73 -16.64
CA ILE C 115 37.65 -22.43 -16.21
C ILE C 115 36.71 -22.63 -17.39
N PRO C 116 35.44 -22.91 -17.12
CA PRO C 116 34.50 -23.16 -18.23
C PRO C 116 34.27 -21.96 -19.12
N ALA C 117 34.48 -20.75 -18.60
CA ALA C 117 34.12 -19.50 -19.25
C ALA C 117 34.58 -18.37 -18.33
N PRO C 118 34.55 -17.11 -18.77
CA PRO C 118 34.86 -16.02 -17.84
C PRO C 118 34.03 -16.13 -16.56
N LEU C 119 34.65 -15.78 -15.44
CA LEU C 119 33.94 -15.84 -14.17
C LEU C 119 32.68 -14.99 -14.23
N GLY C 120 31.60 -15.50 -13.65
CA GLY C 120 30.33 -14.81 -13.65
C GLY C 120 29.48 -15.02 -14.88
N THR C 121 29.92 -15.83 -15.83
CA THR C 121 29.13 -16.11 -17.01
C THR C 121 27.84 -16.85 -16.62
N PRO C 122 26.71 -16.55 -17.26
CA PRO C 122 25.47 -17.27 -16.95
C PRO C 122 25.63 -18.77 -17.12
N ASP C 123 24.97 -19.54 -16.24
CA ASP C 123 25.07 -21.00 -16.25
C ASP C 123 23.72 -21.66 -16.50
N PHE C 124 22.86 -21.01 -17.28
CA PHE C 124 21.59 -21.58 -17.67
C PHE C 124 21.28 -21.20 -19.11
N ARG C 125 20.40 -21.97 -19.73
CA ARG C 125 19.93 -21.68 -21.08
C ARG C 125 18.75 -20.73 -21.02
N GLY C 126 18.78 -19.70 -21.87
CA GLY C 126 17.69 -18.76 -21.97
C GLY C 126 18.18 -17.41 -22.46
N LYS C 127 17.40 -16.38 -22.16
CA LYS C 127 17.73 -14.99 -22.48
C LYS C 127 17.86 -14.23 -21.17
N VAL C 128 19.05 -13.76 -20.85
CA VAL C 128 19.25 -12.92 -19.68
C VAL C 128 18.85 -11.49 -20.05
N PHE C 129 17.89 -10.93 -19.33
CA PHE C 129 17.42 -9.58 -19.59
C PHE C 129 18.14 -8.61 -18.68
N GLY C 130 18.63 -7.51 -19.25
CA GLY C 130 19.37 -6.54 -18.47
C GLY C 130 19.51 -5.23 -19.21
N VAL C 131 20.57 -4.49 -18.88
CA VAL C 131 20.86 -3.20 -19.49
C VAL C 131 22.33 -3.16 -19.90
N ALA C 132 22.58 -2.87 -21.17
CA ALA C 132 23.93 -2.62 -21.65
C ALA C 132 24.22 -1.13 -21.59
N SER C 133 25.42 -0.78 -21.13
CA SER C 133 25.79 0.61 -20.94
C SER C 133 27.20 0.85 -21.46
N GLN C 134 27.47 2.10 -21.83
CA GLN C 134 28.77 2.48 -22.37
C GLN C 134 29.16 3.84 -21.82
N ARG C 135 30.47 4.03 -21.62
CA ARG C 135 31.04 5.32 -21.30
C ARG C 135 32.29 5.51 -22.16
N ASN C 136 32.29 6.55 -22.99
CA ASN C 136 33.35 6.78 -23.95
C ASN C 136 34.47 7.63 -23.35
N PRO C 137 35.66 7.61 -23.94
CA PRO C 137 36.74 8.48 -23.46
C PRO C 137 36.37 9.96 -23.40
N ASP C 138 35.50 10.44 -24.28
CA ASP C 138 35.07 11.83 -24.23
C ASP C 138 34.02 12.09 -23.15
N SER C 139 33.71 11.07 -22.34
CA SER C 139 32.76 11.07 -21.22
C SER C 139 31.31 10.96 -21.65
N THR C 140 30.99 10.82 -22.94
CA THR C 140 29.61 10.60 -23.34
C THR C 140 29.18 9.18 -23.00
N THR C 141 27.91 9.02 -22.63
CA THR C 141 27.41 7.75 -22.10
C THR C 141 26.09 7.36 -22.75
N ARG C 142 25.81 6.05 -22.71
CA ARG C 142 24.56 5.47 -23.21
C ARG C 142 24.25 4.22 -22.39
N ALA C 143 22.95 3.95 -22.21
CA ALA C 143 22.51 2.70 -21.60
C ALA C 143 21.10 2.38 -22.07
N HIS C 144 20.88 1.14 -22.50
CA HIS C 144 19.57 0.70 -22.96
C HIS C 144 19.39 -0.79 -22.63
N GLU C 145 18.13 -1.22 -22.64
CA GLU C 145 17.81 -2.62 -22.40
C GLU C 145 18.53 -3.52 -23.39
N ALA C 146 18.99 -4.68 -22.90
CA ALA C 146 19.70 -5.63 -23.72
C ALA C 146 19.37 -7.04 -23.25
N LYS C 147 19.47 -7.99 -24.18
CA LYS C 147 19.26 -9.40 -23.88
C LYS C 147 20.49 -10.21 -24.29
N VAL C 148 20.85 -11.18 -23.46
CA VAL C 148 21.92 -12.12 -23.76
C VAL C 148 21.28 -13.49 -23.95
N ASP C 149 21.27 -13.98 -25.20
CA ASP C 149 20.76 -15.31 -25.51
C ASP C 149 21.89 -16.32 -25.30
N THR C 150 21.79 -17.11 -24.25
CA THR C 150 22.82 -18.10 -23.95
C THR C 150 22.69 -19.38 -24.77
N THR C 151 21.66 -19.48 -25.61
CA THR C 151 21.51 -20.64 -26.49
C THR C 151 21.95 -20.37 -27.92
N SER C 152 22.17 -19.11 -28.28
CA SER C 152 22.59 -18.79 -29.63
C SER C 152 23.98 -19.38 -29.92
N GLY C 153 24.21 -19.70 -31.19
CA GLY C 153 25.53 -20.15 -31.58
C GLY C 153 26.60 -19.09 -31.45
N ARG C 154 26.19 -17.82 -31.30
CA ARG C 154 27.09 -16.71 -31.06
C ARG C 154 27.43 -16.54 -29.59
N PHE C 155 26.87 -17.35 -28.70
CA PHE C 155 27.21 -17.33 -27.27
C PHE C 155 28.40 -18.26 -27.10
N THR C 156 29.60 -17.70 -27.20
CA THR C 156 30.85 -18.46 -27.02
C THR C 156 31.77 -17.74 -26.04
N PRO C 157 31.32 -17.49 -24.81
CA PRO C 157 32.16 -16.74 -23.87
C PRO C 157 33.49 -17.42 -23.58
N LYS C 158 33.56 -18.75 -23.67
CA LYS C 158 34.83 -19.44 -23.49
C LYS C 158 35.82 -19.03 -24.56
N LEU C 159 35.35 -18.81 -25.79
CA LEU C 159 36.21 -18.32 -26.86
C LEU C 159 36.42 -16.82 -26.80
N GLY C 160 35.79 -16.13 -25.86
CA GLY C 160 36.04 -14.73 -25.63
C GLY C 160 35.01 -13.76 -26.18
N SER C 161 33.83 -14.24 -26.56
CA SER C 161 32.86 -13.33 -27.17
C SER C 161 31.46 -13.89 -27.05
N LEU C 162 30.48 -13.00 -26.95
CA LEU C 162 29.08 -13.35 -26.99
C LEU C 162 28.32 -12.25 -27.73
N GLU C 163 27.02 -12.43 -27.87
CA GLU C 163 26.18 -11.53 -28.65
C GLU C 163 25.01 -11.06 -27.81
N ILE C 164 24.69 -9.76 -27.93
CA ILE C 164 23.53 -9.18 -27.27
C ILE C 164 22.57 -8.68 -28.34
N THR C 165 21.29 -8.61 -27.97
CA THR C 165 20.29 -7.95 -28.79
C THR C 165 19.71 -6.78 -28.02
N THR C 166 19.37 -5.69 -28.71
CA THR C 166 18.79 -4.52 -28.09
C THR C 166 17.64 -4.02 -28.94
N GLU C 167 16.77 -3.22 -28.31
CA GLU C 167 15.71 -2.54 -29.04
C GLU C 167 16.15 -1.16 -29.51
N SER C 168 17.04 -0.51 -28.76
CA SER C 168 17.57 0.79 -29.13
C SER C 168 18.79 0.61 -30.03
N ASP C 169 18.97 1.55 -30.95
CA ASP C 169 20.15 1.56 -31.82
C ASP C 169 21.24 2.48 -31.28
N ASP C 170 21.02 3.11 -30.14
CA ASP C 170 21.93 4.13 -29.59
C ASP C 170 23.10 3.44 -28.86
N PHE C 171 23.99 2.84 -29.66
CA PHE C 171 25.21 2.24 -29.15
C PHE C 171 26.37 2.60 -30.08
N ASP C 172 27.55 2.88 -29.49
CA ASP C 172 28.71 3.28 -30.28
C ASP C 172 29.67 2.11 -30.41
N PRO C 173 30.16 1.80 -31.60
CA PRO C 173 31.09 0.68 -31.76
C PRO C 173 32.46 1.00 -31.17
N ASN C 174 33.16 -0.07 -30.79
CA ASN C 174 34.53 0.00 -30.29
C ASN C 174 34.62 0.81 -28.99
N GLN C 175 33.60 0.69 -28.14
CA GLN C 175 33.55 1.45 -26.90
C GLN C 175 33.40 0.52 -25.70
N PRO C 176 33.92 0.91 -24.54
CA PRO C 176 33.79 0.08 -23.34
C PRO C 176 32.32 -0.12 -22.98
N THR C 177 31.93 -1.38 -22.82
CA THR C 177 30.53 -1.75 -22.62
C THR C 177 30.41 -2.68 -21.43
N LYS C 178 29.38 -2.45 -20.63
CA LYS C 178 29.04 -3.28 -19.47
C LYS C 178 27.63 -3.80 -19.62
N PHE C 179 27.34 -4.89 -18.91
CA PHE C 179 25.99 -5.46 -18.91
C PHE C 179 25.55 -5.65 -17.46
N THR C 180 24.46 -4.99 -17.09
CA THR C 180 23.88 -5.14 -15.77
C THR C 180 22.70 -6.09 -15.84
N PRO C 181 22.79 -7.29 -15.28
CA PRO C 181 21.66 -8.24 -15.38
C PRO C 181 20.49 -7.81 -14.51
N VAL C 182 19.28 -8.03 -15.02
CA VAL C 182 18.05 -7.66 -14.34
C VAL C 182 17.15 -8.88 -14.12
N GLY C 183 17.00 -9.73 -15.13
CA GLY C 183 16.17 -10.90 -15.02
C GLY C 183 16.18 -11.77 -16.26
N VAL C 184 15.06 -12.41 -16.56
CA VAL C 184 14.93 -13.20 -17.78
C VAL C 184 14.11 -12.41 -18.78
N GLY C 185 14.37 -12.67 -20.06
CA GLY C 185 13.66 -12.00 -21.14
C GLY C 185 13.33 -12.95 -22.27
N VAL C 186 12.75 -14.10 -21.93
CA VAL C 186 12.38 -15.09 -22.92
C VAL C 186 10.98 -14.79 -23.44
N ASP C 187 10.76 -15.07 -24.73
CA ASP C 187 9.42 -14.95 -25.30
C ASP C 187 8.58 -16.18 -24.91
N ASN C 188 9.06 -17.37 -25.27
CA ASN C 188 8.44 -18.60 -24.80
C ASN C 188 9.03 -18.97 -23.44
N GLU C 189 8.14 -19.39 -22.53
CA GLU C 189 8.55 -19.68 -21.16
C GLU C 189 9.50 -20.86 -21.08
N ALA C 190 9.45 -21.77 -22.06
CA ALA C 190 10.31 -22.94 -22.08
C ALA C 190 11.74 -22.62 -22.50
N GLU C 191 12.02 -21.41 -23.00
CA GLU C 191 13.39 -21.07 -23.33
C GLU C 191 14.27 -21.02 -22.10
N PHE C 192 13.70 -20.70 -20.94
CA PHE C 192 14.46 -20.58 -19.69
C PHE C 192 14.54 -21.95 -19.03
N GLN C 193 15.74 -22.52 -19.02
CA GLN C 193 15.99 -23.84 -18.45
C GLN C 193 17.16 -23.69 -17.47
N GLN C 194 16.84 -23.49 -16.20
CA GLN C 194 17.86 -23.18 -15.21
C GLN C 194 18.82 -24.34 -14.97
N TRP C 195 18.46 -25.56 -15.34
CA TRP C 195 19.31 -26.72 -15.12
C TRP C 195 19.99 -27.23 -16.38
N SER C 196 19.90 -26.51 -17.49
CA SER C 196 20.63 -26.84 -18.70
C SER C 196 21.75 -25.82 -18.87
N LEU C 197 22.99 -26.27 -18.74
CA LEU C 197 24.12 -25.39 -18.99
C LEU C 197 24.15 -24.98 -20.46
N PRO C 198 24.54 -23.75 -20.75
CA PRO C 198 24.79 -23.37 -22.14
C PRO C 198 26.06 -24.04 -22.66
N ASN C 199 26.29 -23.90 -23.95
CA ASN C 199 27.54 -24.35 -24.55
C ASN C 199 28.50 -23.15 -24.54
N TYR C 200 29.46 -23.17 -23.62
CA TYR C 200 30.34 -22.02 -23.43
C TYR C 200 31.21 -21.76 -24.65
N SER C 201 31.40 -22.76 -25.51
CA SER C 201 32.16 -22.59 -26.75
C SER C 201 31.28 -22.79 -27.98
N GLY C 202 29.97 -22.65 -27.84
CA GLY C 202 29.08 -22.91 -28.95
C GLY C 202 29.14 -24.37 -29.35
N GLN C 203 29.00 -24.63 -30.65
CA GLN C 203 29.15 -25.98 -31.16
C GLN C 203 30.58 -26.26 -31.64
N PHE C 204 31.53 -25.39 -31.29
CA PHE C 204 32.93 -25.65 -31.61
C PHE C 204 33.51 -26.78 -30.76
N THR C 205 33.19 -26.81 -29.47
CA THR C 205 33.58 -27.91 -28.61
C THR C 205 32.61 -27.98 -27.43
N HIS C 206 32.83 -28.95 -26.54
CA HIS C 206 31.99 -29.16 -25.38
C HIS C 206 32.55 -28.41 -24.17
N ASN C 207 31.72 -28.30 -23.14
CA ASN C 207 32.10 -27.61 -21.92
C ASN C 207 33.24 -28.34 -21.20
N MET C 208 34.11 -27.56 -20.57
CA MET C 208 35.27 -28.10 -19.86
C MET C 208 35.44 -27.42 -18.51
N ASN C 209 36.23 -28.05 -17.64
CA ASN C 209 36.58 -27.51 -16.34
C ASN C 209 35.36 -27.25 -15.46
N LEU C 210 34.31 -28.06 -15.63
CA LEU C 210 33.04 -27.80 -14.95
C LEU C 210 33.13 -28.18 -13.48
N ALA C 211 32.51 -27.37 -12.64
CA ALA C 211 32.27 -27.78 -11.27
C ALA C 211 31.38 -29.02 -11.28
N PRO C 212 31.68 -30.02 -10.44
CA PRO C 212 30.97 -31.29 -10.53
C PRO C 212 29.49 -31.18 -10.19
N ALA C 213 28.70 -32.03 -10.83
CA ALA C 213 27.27 -32.12 -10.52
C ALA C 213 27.06 -32.75 -9.14
N VAL C 214 25.95 -32.38 -8.51
CA VAL C 214 25.63 -32.84 -7.17
C VAL C 214 24.28 -33.54 -7.17
N ALA C 215 24.09 -34.42 -6.18
CA ALA C 215 22.85 -35.16 -6.03
C ALA C 215 22.73 -35.62 -4.59
N PRO C 216 21.52 -35.84 -4.08
CA PRO C 216 21.38 -36.47 -2.77
C PRO C 216 21.83 -37.93 -2.85
N ASN C 217 22.39 -38.42 -1.75
CA ASN C 217 22.96 -39.77 -1.74
C ASN C 217 22.53 -40.54 -0.49
N PHE C 218 21.31 -40.31 -0.02
CA PHE C 218 20.81 -40.98 1.16
C PHE C 218 19.32 -41.23 0.97
N PRO C 219 18.80 -42.35 1.47
CA PRO C 219 17.37 -42.65 1.26
C PRO C 219 16.47 -41.60 1.89
N GLY C 220 15.47 -41.16 1.13
CA GLY C 220 14.53 -40.18 1.61
C GLY C 220 15.05 -38.75 1.62
N GLU C 221 16.22 -38.49 1.05
CA GLU C 221 16.83 -37.18 1.06
C GLU C 221 16.70 -36.50 -0.30
N GLN C 222 16.48 -35.19 -0.29
CA GLN C 222 16.45 -34.37 -1.48
C GLN C 222 17.34 -33.15 -1.28
N LEU C 223 17.71 -32.50 -2.39
CA LEU C 223 18.45 -31.26 -2.29
C LEU C 223 17.61 -30.17 -1.64
N LEU C 224 18.28 -29.27 -0.93
CA LEU C 224 17.66 -28.07 -0.39
C LEU C 224 18.19 -26.87 -1.18
N PHE C 225 17.28 -26.08 -1.74
CA PHE C 225 17.64 -24.98 -2.62
C PHE C 225 17.36 -23.65 -1.97
N PHE C 226 18.20 -22.68 -2.28
CA PHE C 226 17.95 -21.27 -1.97
C PHE C 226 17.37 -20.64 -3.23
N ARG C 227 16.09 -20.30 -3.19
CA ARG C 227 15.32 -19.98 -4.39
C ARG C 227 15.07 -18.49 -4.50
N SER C 228 15.21 -17.97 -5.73
CA SER C 228 14.79 -16.63 -6.08
C SER C 228 13.83 -16.72 -7.26
N GLN C 229 12.96 -15.73 -7.36
CA GLN C 229 12.12 -15.54 -8.53
C GLN C 229 12.60 -14.29 -9.25
N LEU C 230 13.27 -14.49 -10.37
CA LEU C 230 13.84 -13.38 -11.12
C LEU C 230 12.73 -12.55 -11.78
N PRO C 231 12.99 -11.27 -12.04
CA PRO C 231 12.07 -10.50 -12.88
C PRO C 231 12.02 -11.06 -14.28
N SER C 232 10.89 -10.83 -14.95
CA SER C 232 10.68 -11.26 -16.32
C SER C 232 10.15 -10.08 -17.12
N SER C 233 10.74 -9.85 -18.30
CA SER C 233 10.38 -8.69 -19.09
C SER C 233 9.11 -8.91 -19.91
N GLY C 234 8.56 -10.12 -19.90
CA GLY C 234 7.35 -10.41 -20.64
C GLY C 234 7.02 -11.88 -20.51
N GLY C 235 5.79 -12.20 -20.90
CA GLY C 235 5.35 -13.58 -20.87
C GLY C 235 4.94 -14.04 -19.48
N ARG C 236 5.01 -15.36 -19.28
CA ARG C 236 4.54 -15.99 -18.06
C ARG C 236 5.63 -16.77 -17.33
N SER C 237 6.89 -16.52 -17.67
CA SER C 237 8.00 -17.22 -17.02
C SER C 237 7.99 -16.97 -15.51
N ASN C 238 8.07 -18.06 -14.73
CA ASN C 238 8.14 -17.92 -13.28
C ASN C 238 9.47 -17.36 -12.81
N GLY C 239 10.49 -17.35 -13.67
CA GLY C 239 11.79 -16.82 -13.31
C GLY C 239 12.47 -17.52 -12.17
N VAL C 240 12.05 -18.75 -11.86
CA VAL C 240 12.57 -19.46 -10.70
C VAL C 240 14.04 -19.81 -10.94
N LEU C 241 14.89 -19.42 -10.00
CA LEU C 241 16.33 -19.68 -10.07
C LEU C 241 16.80 -20.22 -8.73
N ASP C 242 17.25 -21.48 -8.72
CA ASP C 242 17.69 -22.15 -7.51
C ASP C 242 19.21 -22.21 -7.46
N CYS C 243 19.77 -21.91 -6.29
CA CYS C 243 21.21 -22.00 -6.08
C CYS C 243 21.52 -22.89 -4.88
N LEU C 244 22.73 -23.42 -4.88
CA LEU C 244 23.09 -24.44 -3.91
C LEU C 244 23.43 -23.84 -2.56
N VAL C 245 24.10 -22.69 -2.56
CA VAL C 245 24.39 -21.93 -1.35
C VAL C 245 24.29 -20.45 -1.66
N PRO C 246 23.91 -19.64 -0.67
CA PRO C 246 23.84 -18.19 -0.90
C PRO C 246 25.22 -17.61 -1.19
N GLN C 247 25.24 -16.49 -1.92
CA GLN C 247 26.51 -15.86 -2.26
C GLN C 247 27.29 -15.45 -1.03
N GLU C 248 26.60 -15.12 0.07
CA GLU C 248 27.31 -14.78 1.30
C GLU C 248 28.12 -15.95 1.83
N TRP C 249 27.64 -17.19 1.63
CA TRP C 249 28.42 -18.36 2.03
C TRP C 249 29.63 -18.55 1.12
N VAL C 250 29.45 -18.31 -0.19
CA VAL C 250 30.59 -18.28 -1.10
C VAL C 250 31.67 -17.33 -0.57
N GLN C 251 31.26 -16.11 -0.20
CA GLN C 251 32.22 -15.12 0.27
C GLN C 251 32.80 -15.52 1.63
N HIS C 252 31.97 -16.08 2.52
CA HIS C 252 32.43 -16.44 3.86
C HIS C 252 33.40 -17.62 3.82
N PHE C 253 33.06 -18.66 3.06
CA PHE C 253 33.94 -19.82 2.98
C PHE C 253 35.28 -19.46 2.35
N TYR C 254 35.26 -18.59 1.34
CA TYR C 254 36.51 -18.16 0.72
C TYR C 254 37.39 -17.43 1.73
N GLN C 255 36.80 -16.56 2.55
CA GLN C 255 37.56 -15.87 3.59
C GLN C 255 38.11 -16.85 4.62
N GLU C 256 37.25 -17.71 5.15
CA GLU C 256 37.62 -18.52 6.31
C GLU C 256 38.61 -19.62 5.93
N SER C 257 38.37 -20.32 4.81
CA SER C 257 39.18 -21.47 4.39
C SER C 257 39.41 -22.46 5.54
N ALA C 258 38.35 -22.72 6.30
CA ALA C 258 38.47 -23.65 7.42
C ALA C 258 38.52 -25.09 6.89
N PRO C 259 39.42 -25.92 7.41
CA PRO C 259 39.52 -27.29 6.91
C PRO C 259 38.24 -28.06 7.14
N ALA C 260 37.80 -28.79 6.11
CA ALA C 260 36.63 -29.64 6.22
C ALA C 260 37.04 -30.96 6.87
N GLN C 261 36.60 -31.17 8.11
CA GLN C 261 37.08 -32.34 8.85
C GLN C 261 36.50 -33.64 8.28
N THR C 262 35.29 -33.59 7.74
CA THR C 262 34.68 -34.74 7.10
C THR C 262 34.00 -34.27 5.81
N GLN C 263 33.31 -35.20 5.15
CA GLN C 263 32.59 -34.92 3.91
C GLN C 263 31.26 -34.22 4.15
N VAL C 264 30.74 -34.23 5.38
CA VAL C 264 29.37 -33.79 5.66
C VAL C 264 29.37 -32.99 6.96
N ALA C 265 28.76 -31.82 6.92
CA ALA C 265 28.52 -31.01 8.12
C ALA C 265 27.07 -31.13 8.52
N LEU C 266 26.81 -31.36 9.80
CA LEU C 266 25.45 -31.34 10.32
C LEU C 266 25.07 -29.91 10.67
N VAL C 267 23.94 -29.46 10.13
CA VAL C 267 23.48 -28.09 10.28
C VAL C 267 22.02 -28.12 10.71
N ARG C 268 21.63 -27.18 11.56
CA ARG C 268 20.26 -27.12 12.06
C ARG C 268 19.72 -25.71 11.91
N TYR C 269 18.43 -25.62 11.61
CA TYR C 269 17.73 -24.35 11.44
C TYR C 269 16.98 -24.04 12.73
N VAL C 270 17.31 -22.92 13.36
CA VAL C 270 16.85 -22.62 14.70
C VAL C 270 16.07 -21.30 14.69
N ASN C 271 14.93 -21.31 15.38
CA ASN C 271 14.17 -20.08 15.62
C ASN C 271 14.69 -19.45 16.90
N PRO C 272 15.38 -18.30 16.84
CA PRO C 272 15.89 -17.70 18.08
C PRO C 272 14.80 -17.16 19.00
N ASP C 273 13.60 -16.93 18.47
CA ASP C 273 12.51 -16.44 19.32
C ASP C 273 12.02 -17.51 20.29
N THR C 274 11.81 -18.73 19.79
CA THR C 274 11.36 -19.84 20.62
C THR C 274 12.51 -20.74 21.08
N GLY C 275 13.69 -20.59 20.50
CA GLY C 275 14.82 -21.46 20.83
C GLY C 275 14.76 -22.83 20.21
N ARG C 276 13.69 -23.17 19.52
CA ARG C 276 13.47 -24.52 19.02
C ARG C 276 14.16 -24.72 17.68
N VAL C 277 14.58 -25.97 17.44
CA VAL C 277 15.09 -26.39 16.14
C VAL C 277 13.91 -26.80 15.27
N LEU C 278 13.83 -26.23 14.07
CA LEU C 278 12.73 -26.55 13.18
C LEU C 278 13.04 -27.73 12.26
N PHE C 279 14.27 -27.82 11.77
CA PHE C 279 14.67 -28.98 10.99
C PHE C 279 16.20 -29.03 10.96
N GLU C 280 16.73 -30.18 10.56
CA GLU C 280 18.15 -30.38 10.41
C GLU C 280 18.47 -30.77 8.98
N ALA C 281 19.70 -30.50 8.57
CA ALA C 281 20.12 -30.73 7.20
C ALA C 281 21.58 -31.17 7.16
N LYS C 282 21.98 -31.71 6.02
CA LYS C 282 23.37 -32.01 5.73
C LYS C 282 23.93 -30.92 4.83
N LEU C 283 25.10 -30.40 5.18
CA LEU C 283 25.84 -29.48 4.33
C LEU C 283 27.09 -30.23 3.85
N HIS C 284 27.13 -30.56 2.58
CA HIS C 284 28.16 -31.44 2.03
C HIS C 284 29.40 -30.65 1.62
N LYS C 285 30.55 -31.32 1.66
CA LYS C 285 31.82 -30.64 1.42
C LYS C 285 31.86 -29.94 0.07
N LEU C 286 31.23 -30.53 -0.95
CA LEU C 286 31.23 -29.91 -2.28
C LEU C 286 30.35 -28.67 -2.37
N GLY C 287 29.62 -28.34 -1.32
CA GLY C 287 28.89 -27.08 -1.27
C GLY C 287 27.44 -27.17 -1.70
N PHE C 288 26.69 -28.07 -1.06
CA PHE C 288 25.26 -28.18 -1.31
C PHE C 288 24.63 -28.84 -0.10
N MET C 289 23.31 -28.75 -0.01
CA MET C 289 22.57 -29.19 1.16
C MET C 289 21.50 -30.20 0.79
N THR C 290 21.28 -31.16 1.69
CA THR C 290 20.20 -32.12 1.54
C THR C 290 19.37 -32.15 2.81
N ILE C 291 18.10 -32.53 2.66
CA ILE C 291 17.17 -32.69 3.78
C ILE C 291 16.40 -33.98 3.58
N ALA C 292 15.84 -34.49 4.67
CA ALA C 292 14.98 -35.66 4.63
C ALA C 292 13.56 -35.19 4.33
N LYS C 293 13.18 -35.23 3.06
CA LYS C 293 11.91 -34.70 2.61
C LYS C 293 11.59 -35.27 1.23
N ASN C 294 10.31 -35.48 0.98
CA ASN C 294 9.84 -36.07 -0.27
C ASN C 294 8.84 -35.13 -0.93
N GLY C 295 9.03 -34.86 -2.22
CA GLY C 295 8.10 -34.04 -2.96
C GLY C 295 8.65 -32.65 -3.22
N ASP C 296 8.10 -32.02 -4.26
CA ASP C 296 8.46 -30.65 -4.61
C ASP C 296 7.69 -29.71 -3.67
N SER C 297 8.42 -29.01 -2.81
CA SER C 297 7.73 -28.23 -1.79
C SER C 297 8.58 -27.08 -1.31
N PRO C 298 8.00 -25.93 -0.99
CA PRO C 298 8.74 -24.92 -0.24
C PRO C 298 8.93 -25.35 1.19
N ILE C 299 9.93 -24.75 1.83
CA ILE C 299 10.20 -24.98 3.25
C ILE C 299 9.88 -23.66 3.94
N THR C 300 8.75 -23.61 4.63
CA THR C 300 8.32 -22.39 5.32
C THR C 300 9.12 -22.20 6.59
N VAL C 301 9.79 -21.06 6.71
CA VAL C 301 10.64 -20.77 7.86
C VAL C 301 10.27 -19.42 8.44
N PRO C 302 10.39 -19.23 9.75
CA PRO C 302 10.01 -17.95 10.36
C PRO C 302 11.02 -16.88 10.02
N PRO C 303 10.62 -15.60 10.11
CA PRO C 303 11.50 -14.52 9.61
C PRO C 303 12.83 -14.40 10.34
N ASN C 304 12.94 -14.86 11.58
CA ASN C 304 14.19 -14.69 12.34
C ASN C 304 15.04 -15.95 12.36
N GLY C 305 14.62 -17.03 11.71
CA GLY C 305 15.38 -18.25 11.73
C GLY C 305 16.71 -18.12 11.01
N TYR C 306 17.61 -19.04 11.32
CA TYR C 306 18.94 -19.03 10.71
C TYR C 306 19.54 -20.42 10.86
N PHE C 307 20.45 -20.74 9.94
CA PHE C 307 21.16 -22.01 9.98
C PHE C 307 22.30 -21.96 10.99
N ARG C 308 22.42 -23.03 11.78
CA ARG C 308 23.47 -23.17 12.78
C ARG C 308 24.29 -24.41 12.46
N PHE C 309 25.61 -24.27 12.43
CA PHE C 309 26.50 -25.41 12.26
C PHE C 309 26.59 -26.17 13.57
N GLU C 310 26.30 -27.47 13.52
CA GLU C 310 26.37 -28.31 14.71
C GLU C 310 27.74 -28.97 14.85
N SER C 311 28.08 -29.84 13.91
CA SER C 311 29.41 -30.46 13.91
C SER C 311 29.60 -31.21 12.59
N TRP C 312 30.83 -31.68 12.40
CA TRP C 312 31.13 -32.56 11.28
C TRP C 312 30.64 -33.98 11.57
N VAL C 313 29.95 -34.57 10.61
CA VAL C 313 29.46 -35.93 10.71
C VAL C 313 29.87 -36.68 9.45
N ASN C 314 29.34 -37.89 9.27
CA ASN C 314 29.64 -38.72 8.11
C ASN C 314 28.42 -38.84 7.21
N PRO C 315 28.59 -39.32 5.97
CA PRO C 315 27.46 -39.38 5.04
C PRO C 315 26.35 -40.33 5.44
N PHE C 316 26.56 -41.19 6.44
CA PHE C 316 25.55 -42.16 6.83
C PHE C 316 24.60 -41.65 7.90
N TYR C 317 24.74 -40.38 8.30
CA TYR C 317 23.82 -39.79 9.27
C TYR C 317 22.39 -39.82 8.75
N THR C 318 21.47 -40.16 9.63
CA THR C 318 20.04 -40.21 9.32
C THR C 318 19.38 -38.96 9.88
N LEU C 319 18.99 -38.04 9.00
CA LEU C 319 18.32 -36.82 9.41
C LEU C 319 16.88 -37.09 9.80
N ALA C 320 16.37 -36.28 10.73
CA ALA C 320 14.97 -36.36 11.11
C ALA C 320 14.10 -35.91 9.94
N PRO C 321 13.02 -36.62 9.64
CA PRO C 321 12.16 -36.22 8.51
C PRO C 321 11.48 -34.90 8.79
N MET C 322 11.28 -34.13 7.72
CA MET C 322 10.63 -32.84 7.84
C MET C 322 9.13 -32.96 7.62
N LYS D 7 40.66 -13.32 25.10
CA LYS D 7 39.31 -13.24 25.62
C LYS D 7 38.49 -12.19 24.87
N THR D 8 39.13 -11.08 24.53
CA THR D 8 38.49 -10.02 23.76
C THR D 8 38.48 -10.41 22.28
N LYS D 9 37.29 -10.46 21.68
CA LYS D 9 37.14 -10.83 20.28
C LYS D 9 37.95 -9.87 19.40
N PRO D 10 38.91 -10.37 18.61
CA PRO D 10 39.78 -9.47 17.86
C PRO D 10 39.07 -8.86 16.65
N PHE D 11 39.37 -7.59 16.41
CA PHE D 11 38.87 -6.90 15.23
C PHE D 11 39.66 -7.34 14.00
N THR D 12 38.94 -7.59 12.90
CA THR D 12 39.55 -8.04 11.67
C THR D 12 38.92 -7.34 10.48
N LEU D 13 39.63 -7.39 9.35
CA LEU D 13 39.14 -7.01 8.05
C LEU D 13 39.15 -8.23 7.15
N PRO D 14 38.19 -8.36 6.23
CA PRO D 14 38.29 -9.43 5.23
C PRO D 14 39.45 -9.14 4.28
N ILE D 15 40.06 -10.20 3.77
CA ILE D 15 41.18 -10.07 2.85
C ILE D 15 40.61 -9.97 1.45
N LEU D 16 40.62 -8.76 0.90
CA LEU D 16 40.06 -8.49 -0.42
C LEU D 16 40.93 -7.47 -1.13
N THR D 17 41.19 -7.71 -2.41
CA THR D 17 41.81 -6.69 -3.23
C THR D 17 40.77 -5.65 -3.64
N ILE D 18 41.24 -4.60 -4.32
CA ILE D 18 40.34 -3.52 -4.75
C ILE D 18 39.28 -4.07 -5.69
N SER D 19 39.66 -4.98 -6.58
CA SER D 19 38.75 -5.54 -7.57
C SER D 19 37.84 -6.61 -7.00
N GLU D 20 37.88 -6.86 -5.69
CA GLU D 20 37.00 -7.82 -5.06
C GLU D 20 36.01 -7.16 -4.11
N MET D 21 35.87 -5.83 -4.17
CA MET D 21 35.03 -5.08 -3.27
C MET D 21 33.84 -4.48 -4.00
N SER D 22 32.76 -4.28 -3.26
CA SER D 22 31.52 -3.73 -3.80
C SER D 22 31.23 -2.38 -3.17
N ASN D 23 30.65 -1.49 -3.98
CA ASN D 23 30.17 -0.22 -3.45
C ASN D 23 29.00 -0.46 -2.51
N SER D 24 28.98 0.29 -1.40
CA SER D 24 27.92 0.16 -0.42
C SER D 24 26.83 1.21 -0.59
N ARG D 25 26.90 2.02 -1.63
CA ARG D 25 25.86 2.98 -1.97
C ARG D 25 25.16 2.65 -3.27
N PHE D 26 25.57 1.57 -3.95
CA PHE D 26 25.02 1.15 -5.24
C PHE D 26 25.54 -0.24 -5.60
N PRO D 27 24.73 -1.10 -6.20
CA PRO D 27 25.14 -2.50 -6.45
C PRO D 27 26.12 -2.64 -7.62
N VAL D 28 27.28 -2.03 -7.49
CA VAL D 28 28.34 -2.15 -8.50
C VAL D 28 29.67 -2.40 -7.79
N PRO D 29 30.65 -2.95 -8.51
CA PRO D 29 31.97 -3.14 -7.93
C PRO D 29 32.65 -1.80 -7.66
N ILE D 30 33.61 -1.83 -6.73
CA ILE D 30 34.46 -0.69 -6.50
C ILE D 30 35.43 -0.53 -7.67
N ASP D 31 35.58 0.69 -8.17
CA ASP D 31 36.47 0.95 -9.29
C ASP D 31 37.87 1.40 -8.86
N SER D 32 37.97 2.25 -7.84
CA SER D 32 39.29 2.75 -7.42
C SER D 32 39.19 3.29 -6.01
N LEU D 33 40.33 3.69 -5.46
CA LEU D 33 40.42 4.46 -4.22
C LEU D 33 40.68 5.91 -4.58
N HIS D 34 40.06 6.83 -3.84
CA HIS D 34 40.16 8.24 -4.18
C HIS D 34 40.09 9.09 -2.93
N THR D 35 40.79 10.22 -2.96
CA THR D 35 40.76 11.20 -1.88
C THR D 35 40.58 12.59 -2.46
N SER D 36 39.91 13.45 -1.69
CA SER D 36 39.72 14.84 -2.08
C SER D 36 39.34 15.64 -0.84
N PRO D 37 39.59 16.94 -0.84
CA PRO D 37 39.16 17.78 0.27
C PRO D 37 37.63 17.84 0.34
N THR D 38 37.13 17.98 1.56
CA THR D 38 35.68 17.96 1.81
C THR D 38 35.25 19.07 2.77
N GLU D 39 36.08 20.10 2.95
CA GLU D 39 35.73 21.18 3.85
C GLU D 39 34.51 21.96 3.35
N ASN D 40 34.31 22.03 2.04
CA ASN D 40 33.17 22.73 1.46
C ASN D 40 31.88 21.92 1.55
N ILE D 41 31.94 20.63 1.86
CA ILE D 41 30.81 19.72 1.73
C ILE D 41 30.55 19.03 3.06
N VAL D 42 29.33 18.53 3.22
CA VAL D 42 28.92 17.75 4.37
C VAL D 42 28.78 16.30 3.92
N VAL D 43 29.66 15.43 4.40
CA VAL D 43 29.67 14.02 4.02
C VAL D 43 28.76 13.30 5.00
N GLN D 44 27.52 13.04 4.60
CA GLN D 44 26.53 12.43 5.47
C GLN D 44 25.67 11.43 4.69
N CYS D 45 26.32 10.61 3.86
CA CYS D 45 25.57 9.58 3.15
C CYS D 45 24.95 8.61 4.16
N GLN D 46 23.87 7.95 3.73
CA GLN D 46 23.09 7.10 4.60
C GLN D 46 23.21 5.61 4.30
N ASN D 47 23.66 5.23 3.11
CA ASN D 47 23.98 3.85 2.79
C ASN D 47 25.47 3.60 2.98
N GLY D 48 25.80 2.36 3.32
CA GLY D 48 27.18 2.04 3.66
C GLY D 48 27.62 2.68 4.96
N ARG D 49 26.75 2.73 5.95
CA ARG D 49 27.06 3.32 7.25
C ARG D 49 27.04 2.22 8.29
N VAL D 50 28.20 1.94 8.87
CA VAL D 50 28.35 0.89 9.87
C VAL D 50 29.48 1.31 10.82
N THR D 51 29.30 1.03 12.10
CA THR D 51 30.39 1.22 13.04
C THR D 51 31.31 0.01 13.01
N LEU D 52 32.54 0.19 13.50
CA LEU D 52 33.49 -0.91 13.49
C LEU D 52 33.07 -2.06 14.41
N ASP D 53 32.21 -1.80 15.39
CA ASP D 53 31.67 -2.86 16.23
C ASP D 53 30.31 -3.35 15.75
N GLY D 54 29.98 -3.14 14.48
CA GLY D 54 28.89 -3.86 13.85
C GLY D 54 27.51 -3.26 13.99
N GLU D 55 27.38 -1.95 14.16
CA GLU D 55 26.10 -1.29 14.29
C GLU D 55 25.77 -0.59 12.97
N LEU D 56 24.69 -1.03 12.32
CA LEU D 56 24.25 -0.39 11.09
C LEU D 56 23.54 0.92 11.40
N MET D 57 23.73 1.91 10.52
CA MET D 57 23.16 3.24 10.71
C MET D 57 22.50 3.70 9.41
N GLY D 58 21.73 4.79 9.52
CA GLY D 58 21.12 5.38 8.34
C GLY D 58 20.08 4.45 7.74
N THR D 59 20.17 4.25 6.43
CA THR D 59 19.30 3.35 5.69
C THR D 59 20.03 2.07 5.27
N THR D 60 21.11 1.73 5.98
CA THR D 60 22.03 0.70 5.55
C THR D 60 21.49 -0.69 5.88
N GLN D 61 21.68 -1.63 4.95
CA GLN D 61 21.23 -3.00 5.13
C GLN D 61 22.26 -3.92 4.47
N LEU D 62 22.05 -5.22 4.59
CA LEU D 62 23.08 -6.19 4.26
C LEU D 62 23.13 -6.58 2.78
N LEU D 63 22.00 -6.61 2.10
CA LEU D 63 21.95 -7.18 0.75
C LEU D 63 22.60 -6.24 -0.26
N PRO D 64 23.67 -6.66 -0.96
CA PRO D 64 24.32 -5.76 -1.93
C PRO D 64 23.40 -5.30 -3.05
N SER D 65 22.53 -6.18 -3.54
CA SER D 65 21.68 -5.83 -4.69
C SER D 65 20.58 -4.86 -4.34
N GLN D 66 20.30 -4.63 -3.05
CA GLN D 66 19.12 -3.89 -2.63
C GLN D 66 19.39 -2.42 -2.38
N ILE D 67 20.63 -1.95 -2.53
CA ILE D 67 20.91 -0.53 -2.36
C ILE D 67 20.39 0.21 -3.59
N CYS D 68 19.46 1.14 -3.36
CA CYS D 68 18.77 1.94 -4.37
C CYS D 68 17.71 1.15 -5.13
N ALA D 69 17.37 -0.05 -4.67
CA ALA D 69 16.25 -0.81 -5.19
C ALA D 69 15.03 -0.54 -4.33
N PHE D 70 13.86 -0.88 -4.86
CA PHE D 70 12.67 -0.80 -4.05
C PHE D 70 11.69 -1.90 -4.46
N ARG D 71 10.62 -2.00 -3.68
CA ARG D 71 9.65 -3.07 -3.80
C ARG D 71 8.31 -2.50 -3.38
N GLY D 72 7.26 -2.82 -4.12
CA GLY D 72 5.94 -2.34 -3.71
C GLY D 72 4.89 -2.53 -4.78
N THR D 73 3.89 -1.66 -4.73
CA THR D 73 2.73 -1.75 -5.60
C THR D 73 2.65 -0.50 -6.46
N LEU D 74 2.52 -0.68 -7.76
CA LEU D 74 2.43 0.42 -8.71
C LEU D 74 0.98 0.78 -8.96
N THR D 75 0.73 2.09 -9.12
CA THR D 75 -0.54 2.58 -9.62
C THR D 75 -0.29 3.76 -10.54
N ARG D 76 -1.28 4.09 -11.37
CA ARG D 76 -1.21 5.29 -12.19
C ARG D 76 -1.21 6.53 -11.30
N SER D 77 -0.42 7.51 -11.66
CA SER D 77 -0.21 8.69 -10.82
C SER D 77 -1.28 9.74 -11.10
N THR D 78 -1.87 10.25 -10.02
CA THR D 78 -2.94 11.28 -10.04
C THR D 78 -3.84 11.24 -11.27
N LEU D 92 12.73 9.75 -24.27
CA LEU D 92 11.57 10.51 -23.78
C LEU D 92 10.76 9.69 -22.75
N PHE D 93 10.76 10.15 -21.50
CA PHE D 93 10.21 9.42 -20.37
C PHE D 93 8.96 10.14 -19.85
N ASN D 94 7.78 9.78 -20.41
CA ASN D 94 6.55 10.55 -20.19
C ASN D 94 5.56 9.94 -19.23
N TYR D 95 5.64 8.65 -18.94
CA TYR D 95 4.64 8.00 -18.13
C TYR D 95 5.06 8.05 -16.66
N TYR D 96 4.14 8.52 -15.81
CA TYR D 96 4.39 8.69 -14.38
C TYR D 96 3.60 7.65 -13.62
N TRP D 97 4.21 7.10 -12.57
CA TRP D 97 3.56 6.04 -11.81
C TRP D 97 3.82 6.25 -10.33
N HIS D 98 2.79 5.99 -9.53
CA HIS D 98 2.89 6.04 -8.08
C HIS D 98 3.28 4.66 -7.56
N ILE D 99 4.25 4.62 -6.66
CA ILE D 99 4.71 3.37 -6.06
C ILE D 99 4.45 3.45 -4.56
N GLN D 100 3.64 2.52 -4.06
CA GLN D 100 3.43 2.34 -2.63
C GLN D 100 4.46 1.34 -2.13
N LEU D 101 5.39 1.80 -1.30
CA LEU D 101 6.57 1.00 -0.98
C LEU D 101 6.31 0.02 0.14
N ASP D 102 6.80 -1.20 -0.04
CA ASP D 102 6.98 -2.16 1.04
C ASP D 102 8.41 -2.12 1.53
N ASN D 103 8.67 -2.86 2.61
CA ASN D 103 10.05 -3.01 3.07
C ASN D 103 10.83 -3.92 2.11
N LEU D 104 12.15 -3.78 2.15
CA LEU D 104 13.03 -4.53 1.25
C LEU D 104 12.82 -6.03 1.34
N ASN D 105 12.49 -6.54 2.53
CA ASN D 105 12.32 -7.97 2.73
C ASN D 105 10.90 -8.45 2.43
N GLY D 106 10.03 -7.59 1.94
CA GLY D 106 8.66 -7.94 1.65
C GLY D 106 7.67 -7.64 2.75
N THR D 107 8.15 -7.26 3.95
CA THR D 107 7.25 -6.91 5.04
C THR D 107 6.64 -5.53 4.81
N PRO D 108 5.43 -5.30 5.34
CA PRO D 108 4.81 -3.97 5.19
C PRO D 108 5.64 -2.88 5.84
N TYR D 109 5.60 -1.70 5.24
CA TYR D 109 6.40 -0.55 5.69
C TYR D 109 5.58 0.33 6.63
N ASP D 110 6.20 0.72 7.74
CA ASP D 110 5.58 1.63 8.69
C ASP D 110 6.45 2.87 8.81
N PRO D 111 5.95 4.06 8.51
CA PRO D 111 6.78 5.27 8.62
C PRO D 111 7.28 5.56 10.03
N ALA D 112 6.79 4.85 11.04
CA ALA D 112 7.16 5.15 12.42
C ALA D 112 8.50 4.57 12.83
N GLU D 113 9.07 3.64 12.05
CA GLU D 113 10.37 3.11 12.41
C GLU D 113 11.41 4.23 12.35
N ASP D 114 12.34 4.20 13.28
CA ASP D 114 13.30 5.29 13.47
C ASP D 114 14.49 5.10 12.53
N ILE D 115 14.16 5.09 11.24
CA ILE D 115 15.14 5.16 10.16
C ILE D 115 14.75 6.35 9.28
N PRO D 116 15.73 6.93 8.57
CA PRO D 116 15.42 8.11 7.74
C PRO D 116 14.42 7.81 6.63
N ALA D 117 14.38 6.57 6.17
CA ALA D 117 13.59 6.13 5.03
C ALA D 117 13.71 4.61 4.96
N PRO D 118 12.91 3.91 4.15
CA PRO D 118 13.10 2.47 4.03
C PRO D 118 14.55 2.14 3.72
N LEU D 119 15.03 1.03 4.28
CA LEU D 119 16.42 0.66 4.08
C LEU D 119 16.71 0.47 2.59
N GLY D 120 17.92 0.89 2.18
CA GLY D 120 18.29 0.86 0.78
C GLY D 120 17.86 2.07 -0.04
N THR D 121 17.01 2.95 0.50
CA THR D 121 16.61 4.15 -0.21
C THR D 121 17.83 4.94 -0.66
N PRO D 122 17.83 5.47 -1.89
CA PRO D 122 18.97 6.27 -2.36
C PRO D 122 19.27 7.43 -1.42
N ASP D 123 20.56 7.76 -1.29
CA ASP D 123 21.02 8.79 -0.37
C ASP D 123 21.67 9.96 -1.09
N PHE D 124 21.27 10.20 -2.34
CA PHE D 124 21.82 11.29 -3.13
C PHE D 124 20.72 11.92 -3.97
N ARG D 125 20.95 13.16 -4.39
CA ARG D 125 20.03 13.82 -5.28
C ARG D 125 20.39 13.51 -6.73
N GLY D 126 19.37 13.24 -7.52
CA GLY D 126 19.56 12.91 -8.91
C GLY D 126 18.44 12.00 -9.38
N LYS D 127 18.70 11.34 -10.50
CA LYS D 127 17.78 10.37 -11.05
C LYS D 127 18.49 9.02 -11.12
N VAL D 128 17.90 8.03 -10.47
CA VAL D 128 18.41 6.65 -10.55
C VAL D 128 17.81 6.00 -11.79
N PHE D 129 18.67 5.52 -12.68
CA PHE D 129 18.25 4.78 -13.86
C PHE D 129 18.18 3.29 -13.52
N GLY D 130 17.11 2.63 -13.93
CA GLY D 130 16.98 1.22 -13.67
C GLY D 130 15.86 0.61 -14.49
N VAL D 131 15.37 -0.53 -13.99
CA VAL D 131 14.30 -1.28 -14.65
C VAL D 131 13.22 -1.60 -13.62
N ALA D 132 11.97 -1.28 -13.95
CA ALA D 132 10.82 -1.65 -13.14
C ALA D 132 10.18 -2.89 -13.73
N SER D 133 9.89 -3.88 -12.88
CA SER D 133 9.33 -5.16 -13.32
C SER D 133 8.10 -5.49 -12.49
N GLN D 134 7.22 -6.30 -13.10
CA GLN D 134 5.98 -6.72 -12.45
C GLN D 134 5.74 -8.20 -12.72
N ARG D 135 5.18 -8.89 -11.72
CA ARG D 135 4.67 -10.25 -11.87
C ARG D 135 3.30 -10.31 -11.22
N ASN D 136 2.26 -10.50 -12.03
CA ASN D 136 0.89 -10.52 -11.55
C ASN D 136 0.53 -11.89 -11.00
N PRO D 137 -0.53 -11.98 -10.18
CA PRO D 137 -0.95 -13.30 -9.68
C PRO D 137 -1.30 -14.29 -10.77
N ASP D 138 -1.73 -13.83 -11.94
CA ASP D 138 -2.01 -14.72 -13.07
C ASP D 138 -0.74 -15.13 -13.81
N SER D 139 0.43 -14.79 -13.27
CA SER D 139 1.77 -15.15 -13.73
C SER D 139 2.24 -14.33 -14.93
N THR D 140 1.45 -13.40 -15.45
CA THR D 140 1.94 -12.54 -16.52
C THR D 140 2.95 -11.54 -15.96
N THR D 141 3.93 -11.19 -16.79
CA THR D 141 5.05 -10.37 -16.34
C THR D 141 5.38 -9.30 -17.38
N ARG D 142 6.08 -8.27 -16.91
CA ARG D 142 6.58 -7.20 -17.77
C ARG D 142 7.67 -6.43 -17.05
N ALA D 143 8.61 -5.89 -17.82
CA ALA D 143 9.69 -5.10 -17.25
C ALA D 143 10.17 -4.09 -18.29
N HIS D 144 10.38 -2.85 -17.85
CA HIS D 144 10.87 -1.80 -18.74
C HIS D 144 11.71 -0.82 -17.95
N GLU D 145 12.49 -0.03 -18.70
CA GLU D 145 13.31 1.00 -18.09
C GLU D 145 12.49 1.99 -17.29
N ALA D 146 13.06 2.46 -16.19
CA ALA D 146 12.39 3.41 -15.31
C ALA D 146 13.44 4.26 -14.61
N LYS D 147 13.06 5.48 -14.24
CA LYS D 147 13.92 6.34 -13.47
C LYS D 147 13.23 6.76 -12.18
N VAL D 148 14.02 7.00 -11.15
CA VAL D 148 13.54 7.50 -9.86
C VAL D 148 14.18 8.86 -9.62
N ASP D 149 13.38 9.91 -9.68
CA ASP D 149 13.84 11.27 -9.41
C ASP D 149 13.83 11.45 -7.91
N THR D 150 15.02 11.40 -7.28
CA THR D 150 15.11 11.57 -5.84
C THR D 150 14.91 13.02 -5.41
N THR D 151 14.86 13.96 -6.35
CA THR D 151 14.61 15.37 -6.02
C THR D 151 13.16 15.77 -6.26
N SER D 152 12.33 14.85 -6.72
CA SER D 152 10.94 15.18 -7.01
C SER D 152 10.15 15.40 -5.73
N GLY D 153 9.15 16.29 -5.81
CA GLY D 153 8.29 16.53 -4.67
C GLY D 153 7.48 15.32 -4.27
N ARG D 154 7.30 14.37 -5.19
CA ARG D 154 6.62 13.12 -4.89
C ARG D 154 7.58 12.01 -4.51
N PHE D 155 8.86 12.32 -4.36
CA PHE D 155 9.82 11.40 -3.73
C PHE D 155 9.67 11.55 -2.22
N THR D 156 8.83 10.70 -1.63
CA THR D 156 8.59 10.71 -0.18
C THR D 156 8.67 9.30 0.38
N PRO D 157 9.79 8.60 0.21
CA PRO D 157 9.86 7.20 0.66
C PRO D 157 9.68 7.05 2.15
N LYS D 158 10.08 8.04 2.95
CA LYS D 158 9.83 7.98 4.39
C LYS D 158 8.33 7.93 4.68
N LEU D 159 7.53 8.65 3.89
CA LEU D 159 6.09 8.56 4.03
C LEU D 159 5.55 7.25 3.46
N GLY D 160 6.30 6.59 2.61
CA GLY D 160 5.91 5.30 2.08
C GLY D 160 5.62 5.26 0.58
N SER D 161 6.02 6.28 -0.17
CA SER D 161 5.70 6.30 -1.60
C SER D 161 6.74 7.11 -2.36
N LEU D 162 6.88 6.79 -3.63
CA LEU D 162 7.72 7.56 -4.53
C LEU D 162 7.14 7.45 -5.94
N GLU D 163 7.71 8.24 -6.85
CA GLU D 163 7.24 8.29 -8.22
C GLU D 163 8.34 7.82 -9.14
N ILE D 164 7.98 6.95 -10.08
CA ILE D 164 8.91 6.54 -11.12
C ILE D 164 8.41 7.08 -12.46
N THR D 165 9.35 7.28 -13.38
CA THR D 165 9.09 7.74 -14.73
C THR D 165 9.50 6.62 -15.70
N THR D 166 8.70 6.41 -16.75
CA THR D 166 9.00 5.38 -17.74
C THR D 166 8.71 5.90 -19.15
N GLU D 167 9.38 5.27 -20.12
CA GLU D 167 9.09 5.50 -21.53
C GLU D 167 7.98 4.59 -22.05
N SER D 168 7.86 3.39 -21.49
CA SER D 168 6.84 2.44 -21.90
C SER D 168 5.57 2.63 -21.06
N ASP D 169 4.43 2.34 -21.68
CA ASP D 169 3.15 2.37 -20.98
C ASP D 169 2.69 0.99 -20.58
N ASP D 170 3.54 -0.02 -20.75
CA ASP D 170 3.19 -1.42 -20.47
C ASP D 170 3.43 -1.71 -18.98
N PHE D 171 2.54 -1.16 -18.15
CA PHE D 171 2.54 -1.45 -16.72
C PHE D 171 1.10 -1.59 -16.23
N ASP D 172 0.85 -2.59 -15.38
CA ASP D 172 -0.47 -2.88 -14.84
C ASP D 172 -0.63 -2.28 -13.45
N PRO D 173 -1.77 -1.65 -13.16
CA PRO D 173 -1.97 -1.06 -11.84
C PRO D 173 -2.33 -2.10 -10.80
N ASN D 174 -2.05 -1.74 -9.53
CA ASN D 174 -2.29 -2.61 -8.38
C ASN D 174 -1.59 -3.96 -8.54
N GLN D 175 -0.35 -3.93 -9.00
CA GLN D 175 0.41 -5.16 -9.20
C GLN D 175 1.77 -5.06 -8.52
N PRO D 176 2.30 -6.17 -8.02
CA PRO D 176 3.61 -6.14 -7.35
C PRO D 176 4.70 -5.69 -8.31
N THR D 177 5.46 -4.69 -7.89
CA THR D 177 6.47 -4.07 -8.73
C THR D 177 7.81 -4.02 -8.00
N LYS D 178 8.88 -4.30 -8.73
CA LYS D 178 10.24 -4.22 -8.23
C LYS D 178 11.05 -3.29 -9.14
N PHE D 179 12.06 -2.66 -8.56
CA PHE D 179 12.95 -1.77 -9.29
C PHE D 179 14.39 -2.24 -9.11
N THR D 180 15.06 -2.49 -10.24
CA THR D 180 16.46 -2.90 -10.22
C THR D 180 17.33 -1.72 -10.61
N PRO D 181 18.16 -1.19 -9.71
CA PRO D 181 19.00 -0.05 -10.07
C PRO D 181 20.13 -0.45 -11.00
N VAL D 182 20.42 0.41 -11.97
CA VAL D 182 21.46 0.18 -12.97
C VAL D 182 22.51 1.28 -12.92
N GLY D 183 22.09 2.54 -12.87
CA GLY D 183 23.01 3.65 -12.79
C GLY D 183 22.29 4.98 -12.66
N VAL D 184 22.92 6.05 -13.13
CA VAL D 184 22.30 7.37 -13.10
C VAL D 184 21.65 7.66 -14.46
N GLY D 185 20.60 8.46 -14.42
CA GLY D 185 19.89 8.81 -15.63
C GLY D 185 19.48 10.28 -15.67
N VAL D 186 20.39 11.15 -15.26
CA VAL D 186 20.11 12.58 -15.27
C VAL D 186 20.38 13.13 -16.67
N ASP D 187 19.63 14.16 -17.06
CA ASP D 187 19.91 14.84 -18.31
C ASP D 187 21.03 15.86 -18.11
N ASN D 188 20.82 16.83 -17.22
CA ASN D 188 21.88 17.75 -16.84
C ASN D 188 22.79 17.07 -15.82
N GLU D 189 24.09 17.05 -16.11
CA GLU D 189 25.05 16.39 -15.24
C GLU D 189 25.04 16.96 -13.83
N ALA D 190 24.69 18.23 -13.68
CA ALA D 190 24.63 18.85 -12.36
C ALA D 190 23.48 18.35 -11.51
N GLU D 191 22.55 17.59 -12.10
CA GLU D 191 21.46 17.02 -11.31
C GLU D 191 21.94 15.92 -10.37
N PHE D 192 23.11 15.33 -10.63
CA PHE D 192 23.66 14.27 -9.80
C PHE D 192 24.58 14.91 -8.77
N GLN D 193 24.10 15.02 -7.53
CA GLN D 193 24.88 15.58 -6.41
C GLN D 193 25.04 14.47 -5.38
N GLN D 194 26.19 13.80 -5.39
CA GLN D 194 26.35 12.61 -4.58
C GLN D 194 26.40 12.91 -3.08
N TRP D 195 26.73 14.14 -2.69
CA TRP D 195 26.80 14.49 -1.29
C TRP D 195 25.62 15.34 -0.81
N SER D 196 24.53 15.39 -1.59
CA SER D 196 23.32 16.10 -1.20
C SER D 196 22.24 15.05 -0.93
N LEU D 197 21.83 14.96 0.32
CA LEU D 197 20.77 14.02 0.69
C LEU D 197 19.44 14.50 0.10
N PRO D 198 18.64 13.59 -0.44
CA PRO D 198 17.27 13.97 -0.82
C PRO D 198 16.44 14.26 0.41
N ASN D 199 15.21 14.72 0.18
CA ASN D 199 14.23 14.95 1.24
C ASN D 199 13.34 13.71 1.31
N TYR D 200 13.61 12.84 2.29
CA TYR D 200 12.90 11.57 2.37
C TYR D 200 11.41 11.75 2.61
N SER D 201 10.98 12.92 3.06
CA SER D 201 9.57 13.22 3.24
C SER D 201 9.13 14.38 2.34
N GLY D 202 9.86 14.61 1.25
CA GLY D 202 9.49 15.68 0.34
C GLY D 202 9.56 17.03 1.03
N GLN D 203 8.50 17.82 0.87
CA GLN D 203 8.41 19.14 1.47
C GLN D 203 7.73 19.13 2.83
N PHE D 204 7.29 17.98 3.31
CA PHE D 204 6.40 17.96 4.46
C PHE D 204 7.19 17.96 5.77
N THR D 205 8.23 17.13 5.87
CA THR D 205 9.01 17.02 7.10
C THR D 205 10.48 17.09 6.74
N HIS D 206 11.32 17.29 7.76
CA HIS D 206 12.76 17.26 7.62
C HIS D 206 13.27 15.82 7.65
N ASN D 207 14.51 15.63 7.22
CA ASN D 207 15.17 14.35 7.38
C ASN D 207 15.49 14.10 8.85
N MET D 208 15.30 12.85 9.29
CA MET D 208 15.50 12.49 10.68
C MET D 208 16.16 11.12 10.77
N ASN D 209 16.64 10.80 11.97
CA ASN D 209 17.31 9.52 12.26
C ASN D 209 18.54 9.31 11.37
N LEU D 210 19.15 10.40 10.92
CA LEU D 210 20.27 10.29 9.99
C LEU D 210 21.52 9.75 10.68
N ALA D 211 22.27 8.93 9.96
CA ALA D 211 23.63 8.63 10.40
C ALA D 211 24.43 9.93 10.45
N PRO D 212 25.36 10.06 11.39
CA PRO D 212 26.05 11.34 11.54
C PRO D 212 26.97 11.63 10.36
N ALA D 213 27.22 12.92 10.14
CA ALA D 213 28.19 13.35 9.16
C ALA D 213 29.60 13.03 9.63
N VAL D 214 30.53 12.95 8.66
CA VAL D 214 31.90 12.56 8.95
C VAL D 214 32.86 13.58 8.34
N ALA D 215 34.01 13.72 8.98
CA ALA D 215 35.04 14.65 8.54
C ALA D 215 36.36 14.29 9.22
N PRO D 216 37.50 14.64 8.64
CA PRO D 216 38.77 14.44 9.35
C PRO D 216 38.86 15.40 10.54
N ASN D 217 39.14 14.85 11.72
CA ASN D 217 39.34 15.66 12.92
C ASN D 217 40.80 15.98 13.17
N PHE D 218 41.63 15.97 12.13
CA PHE D 218 43.07 15.99 12.28
C PHE D 218 43.70 16.88 11.20
N PRO D 219 44.72 17.64 11.56
CA PRO D 219 45.39 18.48 10.56
C PRO D 219 46.09 17.62 9.50
N GLY D 220 45.93 18.02 8.25
CA GLY D 220 46.58 17.38 7.13
C GLY D 220 45.93 16.12 6.62
N GLU D 221 44.77 15.75 7.14
CA GLU D 221 44.09 14.52 6.75
C GLU D 221 42.90 14.81 5.84
N GLN D 222 42.61 13.86 4.96
CA GLN D 222 41.45 13.90 4.09
C GLN D 222 40.73 12.57 4.15
N LEU D 223 39.42 12.60 3.91
CA LEU D 223 38.66 11.36 3.77
C LEU D 223 39.20 10.53 2.62
N LEU D 224 39.19 9.22 2.80
CA LEU D 224 39.54 8.27 1.75
C LEU D 224 38.27 7.53 1.33
N PHE D 225 38.03 7.46 0.03
CA PHE D 225 36.80 6.91 -0.50
C PHE D 225 37.06 5.64 -1.30
N PHE D 226 36.07 4.74 -1.24
CA PHE D 226 35.97 3.61 -2.17
C PHE D 226 35.04 4.06 -3.28
N ARG D 227 35.59 4.26 -4.47
CA ARG D 227 34.93 4.98 -5.55
C ARG D 227 34.50 4.04 -6.66
N SER D 228 33.29 4.27 -7.18
CA SER D 228 32.80 3.59 -8.37
C SER D 228 32.33 4.64 -9.38
N GLN D 229 32.32 4.24 -10.65
CA GLN D 229 31.72 5.04 -11.72
C GLN D 229 30.47 4.31 -12.18
N LEU D 230 29.31 4.85 -11.81
CA LEU D 230 28.05 4.22 -12.16
C LEU D 230 27.80 4.33 -13.66
N PRO D 231 27.10 3.36 -14.24
CA PRO D 231 26.62 3.54 -15.61
C PRO D 231 25.72 4.76 -15.71
N SER D 232 25.72 5.37 -16.90
CA SER D 232 24.88 6.53 -17.18
C SER D 232 24.08 6.23 -18.45
N SER D 233 22.79 6.54 -18.42
CA SER D 233 21.94 6.24 -19.57
C SER D 233 22.03 7.29 -20.66
N GLY D 234 22.67 8.41 -20.40
CA GLY D 234 22.85 9.44 -21.42
C GLY D 234 23.57 10.63 -20.83
N GLY D 235 24.14 11.43 -21.71
CA GLY D 235 24.87 12.62 -21.29
C GLY D 235 26.33 12.34 -20.96
N ARG D 236 26.92 13.27 -20.21
CA ARG D 236 28.34 13.22 -19.89
C ARG D 236 28.60 13.01 -18.40
N SER D 237 27.61 12.57 -17.65
CA SER D 237 27.78 12.36 -16.21
C SER D 237 28.91 11.37 -15.93
N ASN D 238 29.80 11.74 -15.00
CA ASN D 238 30.88 10.83 -14.65
C ASN D 238 30.40 9.67 -13.79
N GLY D 239 29.22 9.77 -13.20
CA GLY D 239 28.67 8.69 -12.40
C GLY D 239 29.50 8.38 -11.18
N VAL D 240 30.26 9.35 -10.67
CA VAL D 240 31.16 9.11 -9.55
C VAL D 240 30.33 8.98 -8.27
N LEU D 241 30.48 7.85 -7.59
CA LEU D 241 29.80 7.58 -6.33
C LEU D 241 30.83 7.09 -5.33
N ASP D 242 31.07 7.88 -4.28
CA ASP D 242 32.04 7.55 -3.24
C ASP D 242 31.32 6.99 -2.02
N CYS D 243 31.73 5.81 -1.57
CA CYS D 243 31.25 5.28 -0.30
C CYS D 243 32.39 5.27 0.72
N LEU D 244 32.00 5.35 1.99
CA LEU D 244 32.98 5.45 3.08
C LEU D 244 33.65 4.11 3.35
N VAL D 245 32.96 3.02 3.06
CA VAL D 245 33.38 1.68 3.45
C VAL D 245 32.68 0.73 2.47
N PRO D 246 33.37 -0.26 1.90
CA PRO D 246 32.71 -1.17 0.97
C PRO D 246 31.68 -2.04 1.67
N GLN D 247 30.72 -2.53 0.87
CA GLN D 247 29.61 -3.29 1.43
C GLN D 247 30.08 -4.57 2.12
N GLU D 248 31.18 -5.17 1.64
CA GLU D 248 31.70 -6.36 2.30
C GLU D 248 32.11 -6.07 3.74
N TRP D 249 32.65 -4.87 3.99
CA TRP D 249 32.98 -4.50 5.36
C TRP D 249 31.73 -4.27 6.20
N VAL D 250 30.68 -3.70 5.60
CA VAL D 250 29.39 -3.62 6.28
C VAL D 250 28.96 -5.00 6.74
N GLN D 251 28.97 -5.97 5.81
CA GLN D 251 28.56 -7.32 6.13
C GLN D 251 29.50 -7.97 7.13
N HIS D 252 30.79 -7.71 7.00
CA HIS D 252 31.77 -8.32 7.89
C HIS D 252 31.64 -7.79 9.31
N PHE D 253 31.57 -6.46 9.47
CA PHE D 253 31.50 -5.90 10.81
C PHE D 253 30.21 -6.31 11.51
N TYR D 254 29.11 -6.37 10.76
CA TYR D 254 27.85 -6.83 11.33
C TYR D 254 27.98 -8.24 11.90
N GLN D 255 28.65 -9.13 11.16
CA GLN D 255 28.84 -10.49 11.64
C GLN D 255 29.74 -10.53 12.88
N GLU D 256 30.90 -9.87 12.81
CA GLU D 256 31.89 -9.99 13.89
C GLU D 256 31.49 -9.20 15.12
N SER D 257 31.11 -7.93 14.95
CA SER D 257 30.76 -7.06 16.08
C SER D 257 31.87 -7.03 17.13
N ALA D 258 33.11 -6.96 16.67
CA ALA D 258 34.23 -6.94 17.58
C ALA D 258 34.26 -5.63 18.35
N PRO D 259 34.62 -5.66 19.63
CA PRO D 259 34.68 -4.41 20.41
C PRO D 259 35.76 -3.47 19.87
N ALA D 260 35.40 -2.20 19.76
CA ALA D 260 36.33 -1.17 19.32
C ALA D 260 37.14 -0.71 20.51
N GLN D 261 38.44 -1.02 20.51
CA GLN D 261 39.28 -0.69 21.66
C GLN D 261 39.59 0.80 21.72
N THR D 262 39.65 1.48 20.58
CA THR D 262 39.77 2.93 20.52
C THR D 262 38.87 3.45 19.42
N GLN D 263 38.84 4.77 19.27
CA GLN D 263 38.08 5.41 18.20
C GLN D 263 38.73 5.24 16.83
N VAL D 264 39.94 4.70 16.76
CA VAL D 264 40.70 4.66 15.51
C VAL D 264 41.45 3.34 15.42
N ALA D 265 41.21 2.60 14.35
CA ALA D 265 42.02 1.44 14.01
C ALA D 265 43.06 1.84 12.96
N LEU D 266 44.32 1.51 13.23
CA LEU D 266 45.38 1.76 12.26
C LEU D 266 45.36 0.67 11.19
N VAL D 267 45.35 1.09 9.93
CA VAL D 267 45.23 0.19 8.80
C VAL D 267 46.37 0.47 7.83
N ARG D 268 46.95 -0.59 7.27
CA ARG D 268 48.02 -0.47 6.29
C ARG D 268 47.58 -1.17 5.01
N TYR D 269 47.80 -0.53 3.87
CA TYR D 269 47.61 -1.17 2.57
C TYR D 269 48.93 -1.80 2.14
N VAL D 270 48.93 -3.12 1.98
CA VAL D 270 50.16 -3.87 1.79
C VAL D 270 50.13 -4.61 0.45
N ASN D 271 51.32 -4.85 -0.10
CA ASN D 271 51.47 -5.56 -1.35
C ASN D 271 52.00 -6.97 -1.06
N PRO D 272 51.18 -8.01 -1.19
CA PRO D 272 51.63 -9.36 -0.80
C PRO D 272 52.76 -9.90 -1.67
N ASP D 273 52.93 -9.37 -2.88
CA ASP D 273 54.06 -9.80 -3.72
C ASP D 273 55.38 -9.30 -3.14
N THR D 274 55.54 -7.98 -3.04
CA THR D 274 56.75 -7.40 -2.49
C THR D 274 56.79 -7.41 -0.98
N GLY D 275 55.65 -7.62 -0.32
CA GLY D 275 55.58 -7.56 1.12
C GLY D 275 55.65 -6.17 1.71
N ARG D 276 55.56 -5.12 0.88
CA ARG D 276 55.81 -3.76 1.32
C ARG D 276 54.49 -3.04 1.61
N VAL D 277 54.56 -2.13 2.57
CA VAL D 277 53.43 -1.26 2.90
C VAL D 277 53.43 -0.09 1.94
N LEU D 278 52.34 0.08 1.19
CA LEU D 278 52.25 1.22 0.28
C LEU D 278 51.85 2.49 1.00
N PHE D 279 50.88 2.41 1.90
CA PHE D 279 50.51 3.55 2.73
C PHE D 279 49.78 3.05 3.96
N GLU D 280 49.51 3.97 4.88
CA GLU D 280 48.76 3.67 6.08
C GLU D 280 47.59 4.64 6.18
N ALA D 281 46.61 4.27 6.99
CA ALA D 281 45.40 5.07 7.08
C ALA D 281 44.71 4.79 8.42
N LYS D 282 43.84 5.71 8.79
CA LYS D 282 43.01 5.58 9.98
C LYS D 282 41.64 5.05 9.57
N LEU D 283 41.22 3.97 10.22
CA LEU D 283 39.85 3.46 10.09
C LEU D 283 39.10 3.82 11.37
N HIS D 284 38.21 4.79 11.26
CA HIS D 284 37.54 5.35 12.43
C HIS D 284 36.37 4.47 12.88
N LYS D 285 36.11 4.48 14.18
CA LYS D 285 35.04 3.67 14.75
C LYS D 285 33.69 3.95 14.08
N LEU D 286 33.43 5.20 13.70
CA LEU D 286 32.17 5.53 13.05
C LEU D 286 32.04 4.95 11.65
N GLY D 287 33.11 4.41 11.08
CA GLY D 287 33.00 3.73 9.80
C GLY D 287 33.42 4.55 8.59
N PHE D 288 34.60 5.15 8.65
CA PHE D 288 35.15 5.88 7.51
C PHE D 288 36.65 5.94 7.68
N MET D 289 37.34 6.28 6.59
CA MET D 289 38.79 6.28 6.55
C MET D 289 39.33 7.66 6.25
N THR D 290 40.49 7.97 6.83
CA THR D 290 41.22 9.18 6.54
C THR D 290 42.67 8.83 6.19
N ILE D 291 43.33 9.73 5.47
CA ILE D 291 44.72 9.55 5.06
C ILE D 291 45.42 10.89 5.14
N ALA D 292 46.75 10.83 5.26
CA ALA D 292 47.59 12.03 5.29
C ALA D 292 47.97 12.38 3.85
N LYS D 293 47.19 13.29 3.26
CA LYS D 293 47.38 13.72 1.88
C LYS D 293 46.51 14.95 1.64
N ASN D 294 46.96 15.82 0.73
CA ASN D 294 46.23 17.02 0.37
C ASN D 294 45.91 17.01 -1.12
N GLY D 295 44.71 17.45 -1.46
CA GLY D 295 44.33 17.61 -2.86
C GLY D 295 43.57 16.41 -3.41
N ASP D 296 42.75 16.67 -4.42
CA ASP D 296 41.96 15.62 -5.06
C ASP D 296 42.87 14.74 -5.91
N SER D 297 42.82 13.43 -5.65
CA SER D 297 43.71 12.50 -6.34
C SER D 297 43.27 11.06 -6.17
N PRO D 298 43.38 10.24 -7.21
CA PRO D 298 43.23 8.79 -7.03
C PRO D 298 44.40 8.23 -6.25
N ILE D 299 44.19 7.04 -5.70
CA ILE D 299 45.23 6.30 -5.01
C ILE D 299 45.45 5.02 -5.79
N THR D 300 46.57 4.94 -6.51
CA THR D 300 46.87 3.77 -7.32
C THR D 300 47.41 2.65 -6.45
N VAL D 301 46.78 1.48 -6.52
CA VAL D 301 47.19 0.34 -5.71
C VAL D 301 47.52 -0.82 -6.66
N PRO D 302 48.36 -1.77 -6.24
CA PRO D 302 48.61 -2.95 -7.06
C PRO D 302 47.40 -3.85 -7.08
N PRO D 303 47.25 -4.69 -8.12
CA PRO D 303 46.05 -5.54 -8.20
C PRO D 303 45.89 -6.50 -7.05
N ASN D 304 46.98 -7.00 -6.47
CA ASN D 304 46.89 -7.97 -5.39
C ASN D 304 46.97 -7.36 -4.00
N GLY D 305 47.13 -6.03 -3.90
CA GLY D 305 47.20 -5.40 -2.59
C GLY D 305 45.89 -5.44 -1.84
N TYR D 306 45.99 -5.31 -0.52
CA TYR D 306 44.81 -5.37 0.33
C TYR D 306 45.06 -4.56 1.59
N PHE D 307 44.01 -4.17 2.27
CA PHE D 307 44.12 -3.49 3.52
C PHE D 307 44.32 -4.45 4.70
N ARG D 308 45.23 -4.14 5.58
CA ARG D 308 45.40 -4.96 6.76
C ARG D 308 45.37 -4.19 8.02
N PHE D 309 44.58 -4.68 8.93
CA PHE D 309 44.49 -4.11 10.27
C PHE D 309 45.81 -4.30 10.99
N GLU D 310 46.35 -3.21 11.51
CA GLU D 310 47.63 -3.23 12.19
C GLU D 310 47.48 -3.23 13.71
N SER D 311 46.71 -2.28 14.25
CA SER D 311 46.57 -2.13 15.69
C SER D 311 45.54 -1.05 15.95
N TRP D 312 44.84 -1.18 17.07
CA TRP D 312 44.09 -0.05 17.61
C TRP D 312 45.09 1.00 18.04
N VAL D 313 44.71 2.27 17.86
CA VAL D 313 45.65 3.37 18.01
C VAL D 313 44.93 4.54 18.66
N ASN D 314 45.72 5.43 19.26
CA ASN D 314 45.15 6.65 19.81
C ASN D 314 44.79 7.61 18.67
N PRO D 315 43.74 8.43 18.85
CA PRO D 315 43.35 9.36 17.78
C PRO D 315 44.42 10.37 17.42
N PHE D 316 45.37 10.66 18.30
CA PHE D 316 46.43 11.62 18.00
C PHE D 316 47.60 11.00 17.24
N TYR D 317 47.46 9.76 16.77
CA TYR D 317 48.47 9.15 15.92
C TYR D 317 48.62 9.94 14.63
N THR D 318 49.85 10.15 14.20
CA THR D 318 50.15 10.90 12.99
C THR D 318 50.50 9.93 11.87
N LEU D 319 49.69 9.96 10.81
CA LEU D 319 49.92 9.07 9.68
C LEU D 319 51.13 9.54 8.88
N ALA D 320 51.80 8.59 8.25
CA ALA D 320 52.87 8.93 7.32
C ALA D 320 52.27 9.52 6.06
N PRO D 321 52.81 10.63 5.55
CA PRO D 321 52.26 11.23 4.33
C PRO D 321 52.40 10.30 3.14
N MET D 322 51.63 10.60 2.10
CA MET D 322 51.70 9.84 0.85
C MET D 322 52.67 10.48 -0.13
C1 GLC E . -9.04 -22.18 7.66
C2 GLC E . -10.51 -22.56 7.56
C3 GLC E . -11.39 -21.45 8.13
C4 GLC E . -10.92 -21.07 9.52
C5 GLC E . -9.43 -20.76 9.51
C6 GLC E . -8.92 -20.43 10.91
O1 GLC E . -8.79 -21.03 6.84
O2 GLC E . -10.87 -22.79 6.19
O3 GLC E . -12.75 -21.91 8.19
O4 GLC E . -11.63 -19.91 9.96
O5 GLC E . -8.71 -21.89 9.01
O6 GLC E . -9.71 -19.37 11.45
C1 GAL E . -12.51 -19.89 11.10
C2 GAL E . -13.21 -18.51 11.26
C3 GAL E . -14.06 -18.43 12.53
C4 GAL E . -14.99 -19.66 12.66
C5 GAL E . -14.15 -20.94 12.46
C6 GAL E . -14.95 -22.25 12.45
O2 GAL E . -12.23 -17.47 11.34
O3 GAL E . -14.86 -17.24 12.50
O4 GAL E . -16.04 -19.59 11.72
O5 GAL E . -13.47 -20.91 11.19
O6 GAL E . -14.06 -23.35 12.53
C1 FUC E . -12.55 -16.33 10.51
C2 FUC E . -11.45 -15.27 10.75
C3 FUC E . -10.10 -15.77 10.21
C4 FUC E . -10.20 -16.14 8.73
C5 FUC E . -11.37 -17.11 8.51
C6 FUC E . -11.68 -17.37 7.04
O2 FUC E . -11.30 -14.91 12.11
O3 FUC E . -9.12 -14.75 10.36
O4 FUC E . -10.38 -14.98 7.94
O5 FUC E . -12.62 -16.67 9.14
O5 A2G E . -14.38 -16.88 14.83
C1 A2G E . -15.38 -16.86 13.80
C2 A2G E . -15.95 -15.45 13.67
N2 A2G E . -16.84 -15.35 12.53
C3 A2G E . -14.85 -14.41 13.50
O3 A2G E . -15.43 -13.11 13.48
C4 A2G E . -13.85 -14.50 14.65
O4 A2G E . -14.46 -14.12 15.88
C5 A2G E . -13.32 -15.93 14.76
C6 A2G E . -12.47 -16.08 16.01
O6 A2G E . -11.91 -17.39 16.01
C7 A2G E . -18.10 -14.93 12.65
O7 A2G E . -18.55 -14.53 13.71
C8 A2G E . -18.90 -14.95 11.39
C1 GLC F . -18.61 2.89 38.09
C2 GLC F . -17.51 3.80 37.54
C3 GLC F . -17.45 3.72 36.02
C4 GLC F . -17.39 2.27 35.57
C5 GLC F . -18.50 1.44 36.23
C6 GLC F . -18.40 -0.02 35.82
O1 GLC F . -19.88 3.36 37.63
O2 GLC F . -17.74 5.16 37.94
O3 GLC F . -16.31 4.42 35.53
O4 GLC F . -17.53 2.20 34.14
O5 GLC F . -18.39 1.56 37.64
O6 GLC F . -19.53 -0.73 36.35
C1 GAL F . -16.28 1.77 33.53
C2 GAL F . -16.47 1.54 32.04
C3 GAL F . -15.32 0.72 31.46
C4 GAL F . -13.99 1.35 31.85
C5 GAL F . -13.91 1.51 33.36
C6 GAL F . -12.60 2.17 33.76
O2 GAL F . -17.70 0.85 31.81
O3 GAL F . -15.43 0.67 30.04
O4 GAL F . -13.86 2.62 31.21
O5 GAL F . -14.99 2.33 33.82
O6 GAL F . -12.55 2.29 35.19
C1 FUC F . -18.71 1.33 30.99
C2 FUC F . -19.74 0.31 30.54
C3 FUC F . -20.83 0.11 31.60
C4 FUC F . -21.40 1.46 32.00
C5 FUC F . -20.28 2.39 32.44
C6 FUC F . -20.84 3.76 32.84
O2 FUC F . -19.10 -0.94 30.28
O3 FUC F . -21.86 -0.72 31.07
O4 FUC F . -22.09 2.04 30.89
O5 FUC F . -19.33 2.56 31.39
O5 A2G F . -14.45 -1.27 29.60
C1 A2G F . -14.56 0.11 29.21
C2 A2G F . -15.07 0.16 27.77
N2 A2G F . -15.24 1.54 27.35
C3 A2G F . -16.38 -0.59 27.64
O3 A2G F . -16.81 -0.59 26.27
C4 A2G F . -16.24 -2.02 28.13
O4 A2G F . -15.40 -2.76 27.22
C5 A2G F . -15.64 -2.03 29.54
C6 A2G F . -15.37 -3.44 30.05
O6 A2G F . -16.52 -3.92 30.75
C7 A2G F . -14.50 2.08 26.38
O7 A2G F . -13.67 1.43 25.78
C8 A2G F . -14.76 3.52 26.06
C1 GLC G . 25.62 16.60 -28.80
C2 GLC G . 25.28 17.16 -27.43
C3 GLC G . 24.59 16.10 -26.57
C4 GLC G . 23.42 15.50 -27.32
C5 GLC G . 23.85 15.02 -28.71
C6 GLC G . 22.67 14.45 -29.48
O1 GLC G . 26.56 15.52 -28.67
O2 GLC G . 26.48 17.59 -26.78
O3 GLC G . 24.13 16.70 -25.36
O4 GLC G . 22.89 14.39 -26.57
O5 GLC G . 24.43 16.11 -29.42
O6 GLC G . 22.03 13.44 -28.71
C1 GAL G . 21.57 14.10 -26.33
C2 GAL G . 21.39 12.86 -25.43
C3 GAL G . 19.90 12.58 -25.17
C4 GAL G . 19.17 13.85 -24.65
C5 GAL G . 19.51 15.04 -25.56
C6 GAL G . 18.97 16.40 -25.09
O2 GAL G . 21.95 11.70 -26.05
O3 GAL G . 19.79 11.55 -24.18
O4 GAL G . 19.55 14.13 -23.32
O5 GAL G . 20.93 15.21 -25.71
O6 GAL G . 19.41 17.45 -25.95
C1 FUC G . 22.69 10.88 -25.11
C2 FUC G . 23.02 9.55 -25.83
C3 FUC G . 24.05 9.78 -26.94
C4 FUC G . 25.30 10.51 -26.42
C5 FUC G . 24.87 11.78 -25.67
C6 FUC G . 26.04 12.47 -24.95
O2 FUC G . 21.87 8.94 -26.36
O3 FUC G . 24.43 8.54 -27.51
O4 FUC G . 26.07 9.66 -25.57
O5 FUC G . 23.86 11.53 -24.67
O5 A2G G . 17.89 10.53 -25.25
C1 A2G G . 18.44 11.03 -24.02
C2 A2G G . 18.51 9.90 -23.00
N2 A2G G . 19.17 10.38 -21.80
C3 A2G G . 19.25 8.68 -23.55
O3 A2G G . 19.12 7.59 -22.63
C4 A2G G . 18.69 8.26 -24.90
O4 A2G G . 17.40 7.67 -24.74
C5 A2G G . 18.60 9.45 -25.84
C6 A2G G . 17.90 9.08 -27.14
O6 A2G G . 18.17 10.08 -28.12
C7 A2G G . 18.69 10.11 -20.58
O7 A2G G . 17.65 9.49 -20.43
C8 A2G G . 19.51 10.59 -19.43
C1 GLC H . -2.53 -12.55 -23.83
C2 GLC H . -1.57 -13.53 -24.48
C3 GLC H . -0.13 -13.06 -24.32
C4 GLC H . 0.02 -11.62 -24.78
C5 GLC H . -1.03 -10.74 -24.12
C6 GLC H . -0.92 -9.30 -24.62
O1 GLC H . -2.28 -12.49 -22.42
O2 GLC H . -1.72 -14.82 -23.88
O3 GLC H . 0.74 -13.90 -25.09
O4 GLC H . 1.32 -11.14 -24.46
O5 GLC H . -2.33 -11.25 -24.39
O6 GLC H . 0.42 -8.82 -24.45
C1 GAL H . 2.26 -10.67 -25.42
C2 GAL H . 3.55 -10.18 -24.70
C3 GAL H . 4.64 -9.74 -25.68
C4 GAL H . 4.87 -10.83 -26.73
C5 GAL H . 3.52 -11.11 -27.39
C6 GAL H . 3.52 -12.14 -28.52
O2 GAL H . 3.27 -9.08 -23.83
O3 GAL H . 5.86 -9.56 -24.97
O4 GAL H . 5.34 -12.01 -26.10
O5 GAL H . 2.58 -11.61 -26.43
O6 GAL H . 2.29 -12.08 -29.24
C1 FUC H . 3.92 -9.22 -22.54
C2 FUC H . 3.63 -7.95 -21.69
C3 FUC H . 2.19 -7.87 -21.26
C4 FUC H . 1.73 -9.17 -20.58
C5 FUC H . 2.08 -10.35 -21.47
C6 FUC H . 1.79 -11.69 -20.81
O2 FUC H . 4.01 -6.73 -22.31
O3 FUC H . 2.03 -6.80 -20.32
O4 FUC H . 2.31 -9.31 -19.30
O5 FUC H . 3.47 -10.36 -21.86
O5 A2G H . 6.27 -7.50 -26.16
C1 A2G H . 6.82 -8.74 -25.68
C2 A2G H . 7.98 -8.41 -24.75
N2 A2G H . 8.53 -9.62 -24.19
C3 A2G H . 7.54 -7.47 -23.64
O3 A2G H . 8.67 -7.06 -22.87
C4 A2G H . 6.89 -6.20 -24.19
O4 A2G H . 7.87 -5.36 -24.80
C5 A2G H . 5.81 -6.54 -25.20
C6 A2G H . 5.42 -5.27 -25.95
O6 A2G H . 4.10 -5.40 -26.49
C7 A2G H . 9.83 -9.85 -24.20
O7 A2G H . 10.63 -9.06 -24.69
C8 A2G H . 10.25 -11.15 -23.57
#